data_4ZMJ
#
_entry.id   4ZMJ
#
_cell.length_a   107.180
_cell.length_b   107.180
_cell.length_c   103.060
_cell.angle_alpha   90.00
_cell.angle_beta   90.00
_cell.angle_gamma   120.00
#
_symmetry.space_group_name_H-M   'P 63'
#
loop_
_entity.id
_entity.type
_entity.pdbx_description
1 polymer 'Envelope glycoprotein gp160'
2 polymer 'Envelope glycoprotein gp160'
3 branched alpha-D-mannopyranose-(1-2)-alpha-D-mannopyranose-(1-3)-[alpha-D-mannopyranose-(1-6)]beta-D-mannopyranose-(1-4)-2-acetamido-2-deoxy-beta-D-glucopyranose-(1-4)-2-acetamido-2-deoxy-beta-D-glucopyranose
4 branched 2-acetamido-2-deoxy-beta-D-glucopyranose-(1-4)-2-acetamido-2-deoxy-beta-D-glucopyranose
5 non-polymer 2-acetamido-2-deoxy-beta-D-glucopyranose
#
loop_
_entity_poly.entity_id
_entity_poly.type
_entity_poly.pdbx_seq_one_letter_code
_entity_poly.pdbx_strand_id
1 'polypeptide(L)'
;AENLWVTVYYGVPVWKDAETTLFCASDAKAYETEKHNVWATHACVPTDPNPQEIHLENVTEEFNMWKNNMVEQMHTDIIS
LWDQSLKPCVKLTPLCVTLQCTNVTNNITDDMRGELKNCSFNMTTELRDKKQKVYSLFYRLDVVQINENQGNRSNNSNKE
YRLINCNTSAITQACPKVSFEPIPIHYCAPAGFAILKCKDKKFNGTGPCPSVSTVQCTHGIKPVVSTQLLLNGSLAEEEV
MIRSENITNNAKNILVQFNTPVQINCTRPNNNTRKSIRIGPGQAFYATGDIIGDIRQAHCNVSKATWNETLGKVVKQLRK
HFGNNTIIRFANSSGGDLEVTTHSFNCGGEFFYCNTSGLFNSTWISNTSVQGSNSTGSNDSITLPCRIKQIINMWQRIGQ
AMYAPPIQGVIRCVSNITGLILTRDGGSTNSTTETFRPGGGDMRDNWRSELYKYKVVKIEPLGVAPTRCKRRVVGRRRRR
R
;
G
2 'polypeptide(L)'
;AVGIGAVFLGFLGAAGSTMGAASMTLTVQARNLLSGIVQQQSNLLRAPEAQQHLLKLTVWGIKQLQARVLAVERYLRDQQ
LLGIWGCSGKLICCTNVPWNSSWSNRNLSEIWDNMTWLQWDKEISNYTQIIYGLLEESQNQQEKNEQDLLALD
;
B
#
loop_
_chem_comp.id
_chem_comp.type
_chem_comp.name
_chem_comp.formula
BMA D-saccharide, beta linking beta-D-mannopyranose 'C6 H12 O6'
MAN D-saccharide, alpha linking alpha-D-mannopyranose 'C6 H12 O6'
NAG D-saccharide, beta linking 2-acetamido-2-deoxy-beta-D-glucopyranose 'C8 H15 N O6'
#
# COMPACT_ATOMS: atom_id res chain seq x y z
N LEU A 4 13.18 -9.27 -47.37
CA LEU A 4 12.81 -9.70 -46.03
C LEU A 4 11.29 -9.87 -45.90
N TRP A 5 10.87 -10.75 -45.00
CA TRP A 5 9.45 -11.04 -44.82
C TRP A 5 9.06 -10.93 -43.35
N VAL A 6 7.84 -10.49 -43.10
CA VAL A 6 7.32 -10.38 -41.73
C VAL A 6 7.18 -11.75 -41.10
N THR A 7 7.66 -11.89 -39.86
CA THR A 7 7.51 -13.12 -39.12
C THR A 7 7.01 -12.87 -37.70
N VAL A 8 5.88 -13.48 -37.36
CA VAL A 8 5.26 -13.30 -36.05
C VAL A 8 5.89 -14.24 -35.04
N TYR A 9 6.21 -13.70 -33.86
CA TYR A 9 6.77 -14.51 -32.78
C TYR A 9 5.90 -14.43 -31.53
N TYR A 10 5.51 -15.60 -31.02
CA TYR A 10 4.64 -15.66 -29.85
C TYR A 10 5.45 -15.92 -28.59
N GLY A 11 5.12 -15.22 -27.53
CA GLY A 11 5.87 -15.33 -26.29
C GLY A 11 7.18 -14.57 -26.30
N VAL A 12 7.18 -13.39 -26.93
CA VAL A 12 8.33 -12.50 -26.86
C VAL A 12 8.30 -11.66 -25.59
N PRO A 13 9.47 -11.44 -24.99
CA PRO A 13 9.60 -10.63 -23.77
C PRO A 13 9.29 -9.16 -24.01
N VAL A 14 8.03 -8.86 -24.32
CA VAL A 14 7.60 -7.49 -24.50
C VAL A 14 6.64 -7.11 -23.37
N TRP A 15 6.82 -5.91 -22.83
CA TRP A 15 5.89 -5.37 -21.84
C TRP A 15 5.94 -3.85 -21.91
N LYS A 16 4.96 -3.22 -21.28
CA LYS A 16 4.94 -1.78 -21.19
C LYS A 16 4.13 -1.42 -19.95
N ASP A 17 4.34 -0.23 -19.42
CA ASP A 17 3.61 0.20 -18.23
C ASP A 17 2.10 0.08 -18.42
N ALA A 18 1.43 -0.40 -17.37
CA ALA A 18 -0.02 -0.54 -17.41
C ALA A 18 -0.56 -0.55 -15.98
N GLU A 19 -1.83 -0.20 -15.84
CA GLU A 19 -2.49 -0.34 -14.57
C GLU A 19 -3.55 -1.44 -14.66
N THR A 20 -3.58 -2.35 -13.68
CA THR A 20 -4.60 -3.40 -13.66
C THR A 20 -5.03 -3.78 -12.25
N THR A 21 -6.05 -4.65 -12.17
CA THR A 21 -6.54 -5.16 -10.90
C THR A 21 -5.70 -6.33 -10.38
N LEU A 22 -5.10 -6.12 -9.20
CA LEU A 22 -4.25 -7.11 -8.56
C LEU A 22 -5.03 -8.06 -7.64
N PHE A 23 -4.37 -9.14 -7.23
CA PHE A 23 -4.89 -10.02 -6.17
C PHE A 23 -3.92 -10.14 -4.98
N CYS A 24 -4.46 -10.59 -3.85
CA CYS A 24 -3.63 -10.71 -2.64
C CYS A 24 -3.27 -12.11 -2.21
N ALA A 25 -2.15 -12.16 -1.50
CA ALA A 25 -1.67 -13.39 -0.91
C ALA A 25 -1.33 -13.11 0.53
N SER A 26 -1.50 -14.10 1.40
CA SER A 26 -1.15 -13.93 2.79
C SER A 26 -0.88 -15.33 3.30
N ASP A 27 0.39 -15.70 3.16
CA ASP A 27 1.05 -16.92 3.63
C ASP A 27 0.24 -18.21 3.58
N ALA A 28 0.58 -19.18 4.43
CA ALA A 28 -0.37 -20.11 5.03
C ALA A 28 -0.65 -19.86 6.51
N LYS A 29 0.13 -18.95 7.11
CA LYS A 29 0.15 -18.85 8.56
C LYS A 29 -0.90 -17.84 9.03
N ALA A 30 -1.32 -17.00 8.10
CA ALA A 30 -2.14 -15.84 8.42
C ALA A 30 -3.61 -16.24 8.41
N TYR A 31 -3.85 -17.45 7.90
CA TYR A 31 -5.19 -18.02 7.87
C TYR A 31 -5.40 -18.82 9.15
N GLU A 32 -4.33 -19.51 9.57
CA GLU A 32 -4.34 -20.35 10.76
C GLU A 32 -4.64 -19.53 12.02
N THR A 33 -4.29 -18.24 11.96
CA THR A 33 -4.59 -17.32 13.05
C THR A 33 -6.07 -17.36 13.39
N GLU A 34 -6.90 -17.46 12.34
CA GLU A 34 -8.36 -17.49 12.49
C GLU A 34 -8.87 -16.34 13.35
N LYS A 35 -9.45 -16.69 14.49
CA LYS A 35 -10.26 -15.79 15.28
C LYS A 35 -11.34 -15.11 14.45
N HIS A 36 -12.08 -15.92 13.70
CA HIS A 36 -13.18 -15.44 12.88
C HIS A 36 -12.74 -14.35 11.91
N ASN A 37 -11.72 -14.67 11.10
CA ASN A 37 -11.24 -13.79 10.05
C ASN A 37 -10.69 -12.46 10.58
N VAL A 38 -9.53 -12.54 11.24
CA VAL A 38 -8.73 -11.37 11.58
C VAL A 38 -8.20 -10.65 10.36
N TRP A 39 -8.33 -9.32 10.36
CA TRP A 39 -8.16 -8.49 9.17
C TRP A 39 -9.08 -8.97 8.06
N ALA A 40 -8.57 -9.08 6.83
CA ALA A 40 -9.41 -9.64 5.78
C ALA A 40 -9.21 -11.09 5.37
N THR A 41 -8.29 -11.84 5.96
CA THR A 41 -7.81 -12.96 5.17
C THR A 41 -8.82 -14.07 5.37
N HIS A 42 -9.72 -14.17 4.39
CA HIS A 42 -10.76 -15.17 4.42
C HIS A 42 -10.98 -15.73 3.02
N ALA A 43 -10.88 -14.85 2.02
CA ALA A 43 -11.05 -15.22 0.61
C ALA A 43 -9.76 -15.30 -0.20
N CYS A 44 -8.67 -14.71 0.32
CA CYS A 44 -7.40 -14.60 -0.43
C CYS A 44 -6.83 -15.98 -0.75
N VAL A 45 -5.88 -16.00 -1.67
CA VAL A 45 -5.22 -17.26 -1.93
C VAL A 45 -3.92 -17.25 -1.14
N PRO A 46 -3.28 -18.43 -0.98
CA PRO A 46 -1.99 -18.48 -0.30
C PRO A 46 -0.82 -17.82 -1.00
N THR A 47 0.11 -17.33 -0.18
CA THR A 47 1.34 -16.72 -0.66
C THR A 47 2.12 -17.88 -1.24
N ASP A 48 3.03 -17.58 -2.15
CA ASP A 48 3.87 -18.63 -2.67
C ASP A 48 4.98 -18.84 -1.64
N PRO A 49 5.13 -20.10 -1.19
CA PRO A 49 6.12 -20.64 -0.24
C PRO A 49 7.51 -20.34 -0.74
N ASN A 50 7.68 -20.50 -2.03
CA ASN A 50 8.94 -20.28 -2.69
C ASN A 50 8.64 -19.24 -3.76
N PRO A 51 8.52 -17.96 -3.34
CA PRO A 51 8.23 -16.90 -4.29
C PRO A 51 9.42 -16.80 -5.19
N GLN A 52 9.16 -16.46 -6.44
CA GLN A 52 10.25 -16.36 -7.38
C GLN A 52 10.50 -14.89 -7.58
N GLU A 53 11.76 -14.52 -7.49
CA GLU A 53 12.18 -13.19 -7.85
C GLU A 53 13.25 -13.49 -8.89
N ILE A 54 13.11 -12.94 -10.08
CA ILE A 54 14.06 -13.26 -11.12
C ILE A 54 14.76 -11.97 -11.50
N HIS A 55 16.08 -11.96 -11.42
CA HIS A 55 16.81 -10.79 -11.85
C HIS A 55 16.72 -10.67 -13.36
N LEU A 56 16.37 -9.48 -13.84
CA LEU A 56 16.30 -9.29 -15.26
C LEU A 56 17.66 -8.75 -15.73
N GLU A 57 18.49 -9.67 -16.21
CA GLU A 57 19.86 -9.35 -16.61
C GLU A 57 19.89 -8.24 -17.64
N ASN A 58 20.71 -7.22 -17.36
CA ASN A 58 21.03 -6.15 -18.29
C ASN A 58 19.78 -5.34 -18.62
N VAL A 59 18.83 -5.31 -17.69
CA VAL A 59 17.59 -4.60 -17.90
C VAL A 59 17.51 -3.33 -17.07
N THR A 60 17.19 -2.22 -17.72
CA THR A 60 16.95 -0.97 -17.02
C THR A 60 15.53 -0.52 -17.32
N GLU A 61 14.84 -0.10 -16.28
CA GLU A 61 13.43 0.24 -16.38
C GLU A 61 13.19 1.49 -15.54
N GLU A 62 12.30 2.35 -16.01
CA GLU A 62 11.93 3.52 -15.24
C GLU A 62 10.79 3.18 -14.30
N PHE A 63 10.90 3.71 -13.08
CA PHE A 63 9.86 3.56 -12.08
C PHE A 63 9.39 4.93 -11.64
N ASN A 64 8.15 5.01 -11.15
CA ASN A 64 7.69 6.23 -10.51
C ASN A 64 6.79 5.89 -9.32
N MET A 65 7.36 5.94 -8.13
CA MET A 65 6.66 5.52 -6.92
C MET A 65 5.48 6.43 -6.61
N TRP A 66 5.48 7.63 -7.17
CA TRP A 66 4.43 8.60 -6.89
C TRP A 66 3.25 8.43 -7.83
N LYS A 67 3.46 7.71 -8.93
CA LYS A 67 2.35 7.45 -9.82
C LYS A 67 2.28 5.95 -10.05
N ASN A 68 2.07 5.23 -8.96
CA ASN A 68 2.04 3.78 -8.96
C ASN A 68 0.67 3.34 -8.50
N ASN A 69 -0.13 2.78 -9.41
CA ASN A 69 -1.51 2.47 -9.10
C ASN A 69 -1.66 1.37 -8.06
N MET A 70 -0.59 0.60 -7.83
CA MET A 70 -0.61 -0.38 -6.75
C MET A 70 -0.94 0.29 -5.42
N VAL A 71 -0.35 1.47 -5.21
CA VAL A 71 -0.59 2.24 -3.99
C VAL A 71 -2.07 2.55 -3.83
N GLU A 72 -2.68 2.98 -4.93
CA GLU A 72 -4.07 3.40 -4.95
C GLU A 72 -5.03 2.24 -4.72
N GLN A 73 -4.69 1.11 -5.33
CA GLN A 73 -5.47 -0.11 -5.18
C GLN A 73 -5.48 -0.61 -3.75
N MET A 74 -4.29 -0.63 -3.13
CA MET A 74 -4.18 -0.99 -1.74
C MET A 74 -5.02 -0.06 -0.87
N HIS A 75 -4.93 1.24 -1.13
CA HIS A 75 -5.69 2.21 -0.35
C HIS A 75 -7.18 1.92 -0.39
N THR A 76 -7.69 1.79 -1.61
CA THR A 76 -9.10 1.53 -1.85
C THR A 76 -9.56 0.20 -1.26
N ASP A 77 -8.65 -0.77 -1.28
CA ASP A 77 -8.95 -2.08 -0.72
C ASP A 77 -9.12 -2.03 0.78
N ILE A 78 -8.21 -1.33 1.46
CA ILE A 78 -8.26 -1.30 2.91
C ILE A 78 -9.43 -0.46 3.41
N ILE A 79 -9.77 0.59 2.66
CA ILE A 79 -11.01 1.32 2.87
C ILE A 79 -12.23 0.41 2.82
N SER A 80 -12.31 -0.36 1.73
CA SER A 80 -13.42 -1.26 1.48
C SER A 80 -13.49 -2.32 2.58
N LEU A 81 -12.30 -2.78 2.94
CA LEU A 81 -12.09 -3.79 3.97
C LEU A 81 -12.66 -3.35 5.31
N TRP A 82 -12.31 -2.13 5.69
CA TRP A 82 -12.79 -1.52 6.93
C TRP A 82 -14.30 -1.40 6.85
N ASP A 83 -14.77 -0.92 5.70
CA ASP A 83 -16.19 -0.70 5.43
C ASP A 83 -17.02 -1.98 5.55
N GLN A 84 -16.48 -3.07 5.00
CA GLN A 84 -17.20 -4.35 4.93
C GLN A 84 -16.98 -5.23 6.15
N SER A 85 -16.18 -4.78 7.11
CA SER A 85 -15.90 -5.60 8.28
C SER A 85 -16.63 -5.06 9.48
N LEU A 86 -17.27 -3.90 9.31
CA LEU A 86 -17.94 -3.22 10.41
C LEU A 86 -19.45 -3.25 10.23
N LYS A 87 -19.90 -3.89 9.16
CA LYS A 87 -21.31 -3.90 8.79
C LYS A 87 -22.13 -4.99 9.52
N PRO A 88 -21.65 -6.25 9.53
CA PRO A 88 -22.41 -7.24 10.31
C PRO A 88 -22.26 -7.05 11.83
N CYS A 89 -21.27 -6.27 12.23
CA CYS A 89 -21.08 -5.91 13.64
C CYS A 89 -22.15 -5.01 14.27
N VAL A 90 -22.11 -4.98 15.60
CA VAL A 90 -22.97 -4.20 16.48
C VAL A 90 -23.08 -2.75 16.01
N LYS A 91 -24.30 -2.21 16.01
CA LYS A 91 -24.49 -0.81 15.63
C LYS A 91 -25.02 0.07 16.74
N LEU A 92 -24.25 1.10 17.06
CA LEU A 92 -24.34 1.82 18.32
C LEU A 92 -25.17 3.10 18.22
N THR A 93 -25.85 3.29 17.09
CA THR A 93 -26.66 4.50 16.89
C THR A 93 -27.52 4.94 18.09
N PRO A 94 -28.11 3.99 18.84
CA PRO A 94 -28.77 4.50 20.06
C PRO A 94 -27.82 5.07 21.12
N LEU A 95 -26.51 4.87 20.98
CA LEU A 95 -25.56 5.33 22.00
C LEU A 95 -25.42 6.84 22.03
N CYS A 96 -26.10 7.53 21.12
CA CYS A 96 -26.12 8.97 21.21
C CYS A 96 -27.26 9.35 22.14
N VAL A 97 -26.87 9.73 23.34
CA VAL A 97 -27.75 9.89 24.48
C VAL A 97 -27.09 10.93 25.37
N THR A 98 -27.90 11.77 26.01
CA THR A 98 -27.36 12.78 26.92
C THR A 98 -26.50 12.11 27.99
N LEU A 99 -25.25 12.56 28.08
CA LEU A 99 -24.28 11.92 28.95
C LEU A 99 -24.10 12.75 30.21
N GLN A 100 -24.46 12.17 31.35
CA GLN A 100 -24.27 12.85 32.62
C GLN A 100 -22.89 12.52 33.14
N CYS A 101 -22.02 13.52 33.11
CA CYS A 101 -20.59 13.31 33.04
C CYS A 101 -19.88 14.32 33.93
N THR A 102 -18.93 13.83 34.69
CA THR A 102 -18.14 14.65 35.57
C THR A 102 -16.68 14.42 35.23
N ASN A 103 -15.81 15.29 35.73
CA ASN A 103 -14.39 15.07 35.62
C ASN A 103 -14.02 13.81 36.39
N VAL A 104 -12.85 13.26 36.11
CA VAL A 104 -12.25 12.34 37.03
C VAL A 104 -12.25 13.00 38.40
N THR A 105 -12.67 12.24 39.40
CA THR A 105 -12.76 12.73 40.77
C THR A 105 -11.37 13.18 41.24
N ASN A 106 -10.37 12.58 40.60
CA ASN A 106 -8.96 12.64 40.94
C ASN A 106 -8.62 12.24 42.37
N ASN A 107 -7.39 12.51 42.81
CA ASN A 107 -7.02 12.46 44.21
C ASN A 107 -5.92 13.41 44.63
N ILE A 108 -4.72 12.98 44.28
CA ILE A 108 -3.48 13.72 44.46
C ILE A 108 -2.51 13.37 43.32
N THR A 109 -1.94 14.37 42.68
CA THR A 109 -2.57 15.68 42.65
C THR A 109 -3.12 16.03 41.27
N ASP A 110 -2.27 16.57 40.42
CA ASP A 110 -2.65 16.99 39.08
C ASP A 110 -1.54 16.73 38.08
N ASP A 111 -1.84 15.96 37.03
CA ASP A 111 -0.85 15.69 35.99
C ASP A 111 -1.50 15.66 34.60
N MET A 112 -2.45 14.75 34.42
CA MET A 112 -3.41 14.84 33.34
C MET A 112 -4.82 14.61 33.86
N ARG A 113 -5.60 15.67 33.92
CA ARG A 113 -6.82 15.71 34.72
C ARG A 113 -8.00 15.11 33.97
N GLY A 114 -8.41 15.76 32.89
CA GLY A 114 -9.69 15.50 32.27
C GLY A 114 -9.63 14.40 31.22
N GLU A 115 -8.64 13.53 31.31
CA GLU A 115 -8.40 12.52 30.29
C GLU A 115 -9.55 11.52 30.25
N LEU A 116 -10.26 11.39 31.36
CA LEU A 116 -11.44 10.54 31.40
C LEU A 116 -12.65 11.25 32.00
N LYS A 117 -13.83 10.73 31.71
CA LYS A 117 -15.06 11.21 32.33
C LYS A 117 -15.83 10.03 32.91
N ASN A 118 -16.69 10.31 33.89
CA ASN A 118 -17.66 9.33 34.34
C ASN A 118 -19.06 9.66 33.82
N CYS A 119 -19.52 8.88 32.84
CA CYS A 119 -20.67 9.26 32.05
C CYS A 119 -21.83 8.29 32.28
N SER A 120 -22.87 8.77 32.94
CA SER A 120 -24.07 7.96 33.18
C SER A 120 -25.18 8.36 32.23
N PHE A 121 -25.79 7.36 31.60
CA PHE A 121 -26.76 7.60 30.54
C PHE A 121 -27.92 6.61 30.59
N ASN A 122 -29.12 7.10 30.29
CA ASN A 122 -30.26 6.23 30.05
C ASN A 122 -30.12 5.46 28.75
N MET A 123 -30.28 4.14 28.82
CA MET A 123 -29.97 3.28 27.69
C MET A 123 -31.04 2.21 27.50
N THR A 124 -31.16 1.70 26.28
CA THR A 124 -32.13 0.65 25.99
C THR A 124 -31.59 -0.72 26.42
N THR A 125 -32.46 -1.51 27.05
CA THR A 125 -32.21 -2.93 27.26
C THR A 125 -32.55 -3.75 26.02
N GLU A 126 -32.66 -5.06 26.20
CA GLU A 126 -33.19 -5.94 25.16
C GLU A 126 -34.55 -5.48 24.66
N LEU A 127 -35.27 -4.72 25.49
CA LEU A 127 -36.68 -4.46 25.26
C LEU A 127 -36.94 -2.97 25.00
N ARG A 128 -38.08 -2.70 24.35
CA ARG A 128 -38.41 -1.35 23.91
C ARG A 128 -39.15 -0.59 25.00
N ASP A 129 -39.27 -1.20 26.17
CA ASP A 129 -40.02 -0.59 27.28
C ASP A 129 -39.09 0.04 28.29
N LYS A 130 -38.49 -0.81 29.13
CA LYS A 130 -37.76 -0.33 30.30
C LYS A 130 -36.37 0.10 29.93
N LYS A 131 -35.97 1.27 30.40
CA LYS A 131 -34.66 1.81 30.12
C LYS A 131 -33.61 1.14 30.98
N GLN A 132 -32.36 1.55 30.77
CA GLN A 132 -31.24 1.05 31.55
C GLN A 132 -30.41 2.25 31.99
N LYS A 133 -30.39 2.53 33.29
CA LYS A 133 -29.64 3.66 33.79
C LYS A 133 -28.32 3.14 34.31
N VAL A 134 -27.27 3.40 33.55
CA VAL A 134 -25.98 2.76 33.71
C VAL A 134 -24.95 3.69 33.12
N TYR A 135 -23.68 3.33 33.24
CA TYR A 135 -22.62 4.28 32.96
C TYR A 135 -21.46 3.59 32.24
N SER A 136 -20.45 4.39 31.89
CA SER A 136 -19.21 3.87 31.38
C SER A 136 -18.13 4.92 31.53
N LEU A 137 -16.90 4.56 31.16
CA LEU A 137 -15.82 5.54 31.14
C LEU A 137 -15.54 5.99 29.70
N PHE A 138 -15.21 7.26 29.55
CA PHE A 138 -14.94 7.82 28.24
C PHE A 138 -13.81 8.85 28.30
N TYR A 139 -12.95 8.82 27.28
CA TYR A 139 -11.89 9.81 27.14
C TYR A 139 -12.42 11.16 26.66
N ARG A 140 -11.63 12.21 26.89
CA ARG A 140 -11.99 13.56 26.47
C ARG A 140 -12.09 13.65 24.94
N LEU A 141 -11.24 12.92 24.24
CA LEU A 141 -11.26 12.92 22.79
C LEU A 141 -12.51 12.25 22.24
N ASP A 142 -13.15 11.42 23.06
CA ASP A 142 -14.36 10.71 22.67
C ASP A 142 -15.61 11.56 22.78
N VAL A 143 -15.64 12.46 23.76
CA VAL A 143 -16.88 13.08 24.21
C VAL A 143 -16.76 14.60 24.22
N VAL A 144 -17.83 15.28 23.80
CA VAL A 144 -17.85 16.74 23.72
C VAL A 144 -19.02 17.33 24.51
N GLN A 145 -18.78 18.43 25.21
CA GLN A 145 -19.83 19.12 25.96
C GLN A 145 -20.71 19.97 25.04
N ILE A 146 -21.97 20.11 25.43
CA ILE A 146 -22.83 21.14 24.86
C ILE A 146 -23.78 21.71 25.92
N ASN A 147 -23.78 23.03 26.07
CA ASN A 147 -24.67 23.69 27.03
C ASN A 147 -26.02 24.01 26.41
N SER A 157 -27.05 22.50 38.17
CA SER A 157 -26.97 21.58 37.04
C SER A 157 -25.52 21.25 36.71
N ASN A 158 -25.18 19.96 36.80
CA ASN A 158 -23.87 19.48 36.37
C ASN A 158 -23.71 19.49 34.85
N LYS A 159 -22.46 19.43 34.39
CA LYS A 159 -22.14 19.58 32.98
C LYS A 159 -22.76 18.46 32.13
N GLU A 160 -23.11 18.80 30.90
CA GLU A 160 -23.81 17.88 30.00
C GLU A 160 -22.97 17.58 28.77
N TYR A 161 -23.01 16.34 28.32
CA TYR A 161 -22.03 15.85 27.34
C TYR A 161 -22.68 14.97 26.27
N ARG A 162 -22.02 14.87 25.12
CA ARG A 162 -22.45 13.95 24.06
C ARG A 162 -21.25 13.45 23.28
N LEU A 163 -21.45 12.38 22.51
CA LEU A 163 -20.38 11.78 21.74
C LEU A 163 -19.96 12.66 20.56
N ILE A 164 -18.68 12.64 20.24
CA ILE A 164 -18.06 13.67 19.40
C ILE A 164 -18.44 13.47 17.94
N ASN A 165 -18.86 12.25 17.61
CA ASN A 165 -19.34 11.93 16.29
C ASN A 165 -20.82 12.22 16.03
N CYS A 166 -21.59 12.38 17.10
CA CYS A 166 -23.05 12.45 17.00
C CYS A 166 -23.56 13.52 16.03
N ASN A 167 -22.77 14.58 15.81
CA ASN A 167 -23.19 15.57 14.83
C ASN A 167 -22.54 15.31 13.48
N THR A 168 -21.58 14.40 13.48
CA THR A 168 -20.81 14.05 12.29
C THR A 168 -21.32 12.84 11.50
N SER A 169 -21.33 11.69 12.17
CA SER A 169 -21.74 10.42 11.56
C SER A 169 -22.53 9.42 12.41
N ALA A 170 -22.44 8.17 11.95
CA ALA A 170 -23.15 6.98 12.44
C ALA A 170 -22.16 6.01 13.08
N ILE A 171 -22.41 5.64 14.32
CA ILE A 171 -21.56 4.73 15.09
C ILE A 171 -22.03 3.30 15.08
N THR A 172 -21.05 2.39 15.02
CA THR A 172 -21.24 0.96 14.99
C THR A 172 -19.91 0.33 15.37
N GLN A 173 -19.98 -0.70 16.19
CA GLN A 173 -18.84 -1.12 17.02
C GLN A 173 -18.04 -2.14 16.25
N ALA A 174 -16.72 -2.13 16.41
CA ALA A 174 -15.89 -3.23 15.96
C ALA A 174 -16.27 -4.52 16.69
N CYS A 175 -16.55 -5.56 15.92
CA CYS A 175 -16.82 -6.89 16.47
C CYS A 175 -15.59 -7.43 17.19
N PRO A 176 -15.76 -7.84 18.46
CA PRO A 176 -14.67 -8.32 19.31
C PRO A 176 -13.99 -9.58 18.76
N LYS A 177 -14.61 -10.21 17.78
CA LYS A 177 -14.04 -11.39 17.16
C LYS A 177 -12.81 -11.03 16.32
N VAL A 178 -12.97 -10.09 15.40
CA VAL A 178 -11.87 -9.74 14.51
C VAL A 178 -10.86 -8.91 15.28
N SER A 179 -9.72 -8.65 14.64
CA SER A 179 -8.62 -7.99 15.33
C SER A 179 -7.80 -7.09 14.46
N PHE A 180 -7.59 -5.83 14.85
CA PHE A 180 -6.89 -4.97 13.92
C PHE A 180 -5.43 -5.21 14.27
N GLU A 181 -4.80 -6.02 13.43
CA GLU A 181 -3.42 -6.40 13.62
C GLU A 181 -2.81 -6.63 12.26
N PRO A 182 -1.90 -5.75 11.84
CA PRO A 182 -1.45 -5.92 10.46
C PRO A 182 -0.88 -7.32 10.23
N ILE A 183 -1.11 -7.93 9.07
CA ILE A 183 -0.42 -9.17 8.74
C ILE A 183 0.35 -8.94 7.45
N PRO A 184 1.38 -9.76 7.18
CA PRO A 184 2.01 -9.38 5.91
C PRO A 184 1.06 -9.70 4.76
N ILE A 185 0.91 -8.77 3.83
CA ILE A 185 0.14 -9.01 2.61
C ILE A 185 1.01 -8.87 1.38
N HIS A 186 0.91 -9.84 0.47
CA HIS A 186 1.61 -9.70 -0.78
C HIS A 186 0.57 -9.33 -1.83
N TYR A 187 0.97 -8.47 -2.77
CA TYR A 187 0.13 -8.14 -3.90
C TYR A 187 0.70 -8.76 -5.16
N CYS A 188 -0.18 -9.35 -5.96
CA CYS A 188 0.27 -10.15 -7.09
C CYS A 188 -0.46 -9.81 -8.37
N ALA A 189 0.22 -9.99 -9.50
CA ALA A 189 -0.35 -9.76 -10.82
C ALA A 189 -0.95 -11.03 -11.39
N PRO A 190 -2.10 -10.90 -12.06
CA PRO A 190 -2.70 -12.04 -12.75
C PRO A 190 -1.92 -12.41 -14.01
N ALA A 191 -2.39 -13.43 -14.73
CA ALA A 191 -1.72 -13.89 -15.95
C ALA A 191 -1.68 -12.78 -16.98
N GLY A 192 -0.58 -12.70 -17.72
CA GLY A 192 -0.45 -11.71 -18.78
C GLY A 192 0.13 -10.43 -18.23
N PHE A 193 0.26 -10.36 -16.91
CA PHE A 193 0.84 -9.18 -16.26
C PHE A 193 2.00 -9.60 -15.38
N ALA A 194 2.80 -8.62 -14.97
CA ALA A 194 3.96 -8.91 -14.13
C ALA A 194 4.28 -7.72 -13.24
N ILE A 195 4.95 -7.99 -12.12
CA ILE A 195 5.42 -6.93 -11.25
C ILE A 195 6.93 -6.80 -11.46
N LEU A 196 7.38 -5.59 -11.75
CA LEU A 196 8.82 -5.35 -11.80
C LEU A 196 9.34 -4.75 -10.50
N LYS A 197 10.51 -5.19 -10.07
CA LYS A 197 11.02 -4.82 -8.76
C LYS A 197 12.42 -4.25 -8.92
N CYS A 198 12.60 -3.00 -8.52
CA CYS A 198 13.90 -2.34 -8.60
C CYS A 198 14.78 -2.71 -7.39
N LYS A 199 15.98 -3.21 -7.63
CA LYS A 199 16.84 -3.64 -6.51
C LYS A 199 18.05 -2.76 -6.16
N ASP A 200 18.19 -1.60 -6.78
CA ASP A 200 19.33 -0.72 -6.47
C ASP A 200 19.22 -0.25 -5.02
N LYS A 201 20.35 -0.26 -4.31
CA LYS A 201 20.38 0.18 -2.92
C LYS A 201 20.00 1.64 -2.73
N LYS A 202 20.66 2.53 -3.46
CA LYS A 202 20.29 3.93 -3.37
C LYS A 202 19.25 4.23 -4.45
N PHE A 203 17.99 4.31 -4.06
CA PHE A 203 16.96 4.66 -5.03
C PHE A 203 15.86 5.51 -4.41
N ASN A 204 15.65 6.66 -5.02
CA ASN A 204 14.71 7.65 -4.54
C ASN A 204 13.26 7.35 -4.92
N GLY A 205 13.07 6.29 -5.71
CA GLY A 205 11.73 5.85 -6.02
C GLY A 205 11.27 6.30 -7.39
N THR A 206 12.04 7.20 -8.01
CA THR A 206 11.71 7.72 -9.33
C THR A 206 12.91 7.83 -10.26
N GLY A 207 12.86 7.07 -11.34
CA GLY A 207 13.92 7.05 -12.33
C GLY A 207 14.24 5.64 -12.80
N PRO A 208 15.35 5.48 -13.52
CA PRO A 208 15.77 4.19 -14.09
C PRO A 208 16.46 3.30 -13.06
N CYS A 209 15.97 2.07 -12.94
CA CYS A 209 16.60 1.04 -12.11
C CYS A 209 17.53 0.15 -12.93
N PRO A 210 18.73 -0.16 -12.39
CA PRO A 210 19.68 -0.97 -13.14
C PRO A 210 19.54 -2.45 -12.84
N SER A 211 19.11 -2.77 -11.62
CA SER A 211 18.89 -4.16 -11.26
C SER A 211 17.40 -4.31 -11.06
N VAL A 212 16.75 -4.84 -12.09
CA VAL A 212 15.30 -4.96 -12.10
C VAL A 212 14.98 -6.43 -12.00
N SER A 213 13.93 -6.76 -11.27
CA SER A 213 13.47 -8.13 -11.27
C SER A 213 11.99 -8.21 -11.56
N THR A 214 11.52 -9.43 -11.83
CA THR A 214 10.11 -9.68 -11.97
C THR A 214 9.70 -10.67 -10.89
N VAL A 215 8.53 -10.44 -10.30
CA VAL A 215 8.02 -11.32 -9.26
C VAL A 215 6.54 -11.58 -9.48
N GLN A 216 6.04 -12.68 -8.88
CA GLN A 216 4.61 -12.91 -8.94
C GLN A 216 3.93 -12.11 -7.84
N CYS A 217 4.61 -11.95 -6.71
CA CYS A 217 4.06 -11.24 -5.56
C CYS A 217 5.06 -10.26 -4.97
N THR A 218 4.56 -9.21 -4.34
CA THR A 218 5.39 -8.32 -3.55
C THR A 218 5.88 -9.03 -2.30
N HIS A 219 6.76 -8.39 -1.54
CA HIS A 219 7.11 -8.92 -0.22
C HIS A 219 5.89 -8.75 0.67
N GLY A 220 5.90 -9.38 1.84
CA GLY A 220 4.75 -9.25 2.71
C GLY A 220 4.72 -7.90 3.38
N ILE A 221 3.63 -7.17 3.16
CA ILE A 221 3.50 -5.83 3.68
C ILE A 221 2.42 -5.76 4.73
N LYS A 222 2.80 -5.46 5.96
CA LYS A 222 1.84 -5.17 7.01
C LYS A 222 1.19 -3.82 6.80
N PRO A 223 -0.15 -3.79 6.69
CA PRO A 223 -0.87 -2.55 6.44
C PRO A 223 -0.97 -1.74 7.71
N VAL A 224 0.18 -1.33 8.23
CA VAL A 224 0.21 -0.58 9.48
C VAL A 224 -0.28 0.84 9.25
N VAL A 225 -1.35 1.18 9.92
CA VAL A 225 -1.92 2.51 9.85
C VAL A 225 -1.36 3.40 10.95
N SER A 226 -0.63 4.44 10.56
CA SER A 226 -0.07 5.35 11.54
C SER A 226 0.27 6.70 10.90
N THR A 227 0.50 7.71 11.73
CA THR A 227 1.01 8.99 11.25
C THR A 227 2.34 9.41 11.85
N GLN A 228 3.02 10.32 11.14
CA GLN A 228 4.26 10.96 11.58
C GLN A 228 5.44 9.99 11.57
N LEU A 229 5.27 8.87 12.28
CA LEU A 229 6.29 7.84 12.31
C LEU A 229 5.80 6.62 11.53
N LEU A 230 6.64 6.09 10.66
CA LEU A 230 6.35 4.82 10.00
C LEU A 230 6.86 3.66 10.85
N LEU A 231 6.01 2.66 11.10
CA LEU A 231 6.35 1.61 12.03
C LEU A 231 6.41 0.26 11.31
N ASN A 232 7.37 -0.58 11.73
CA ASN A 232 7.47 -1.97 11.25
C ASN A 232 7.54 -2.11 9.73
N GLY A 233 8.07 -1.10 9.06
CA GLY A 233 8.22 -1.16 7.62
C GLY A 233 9.60 -1.65 7.23
N SER A 234 9.91 -1.53 5.94
CA SER A 234 11.22 -1.93 5.42
C SER A 234 12.20 -0.79 5.66
N LEU A 235 13.48 -1.11 5.83
CA LEU A 235 14.45 -0.05 6.04
C LEU A 235 15.28 0.08 4.77
N ALA A 236 15.81 1.27 4.48
CA ALA A 236 16.71 1.36 3.34
C ALA A 236 18.09 0.74 3.57
N GLU A 237 18.66 0.18 2.51
CA GLU A 237 19.93 -0.52 2.62
C GLU A 237 21.18 0.36 2.75
N GLU A 238 22.01 0.04 3.72
CA GLU A 238 23.17 0.81 4.16
C GLU A 238 22.93 2.21 4.69
N GLU A 239 22.12 3.00 3.99
CA GLU A 239 21.94 4.40 4.39
C GLU A 239 20.48 4.85 4.48
N VAL A 240 20.20 5.78 5.39
CA VAL A 240 18.88 6.42 5.47
C VAL A 240 18.58 7.07 4.11
N MET A 241 17.37 6.88 3.61
CA MET A 241 17.03 7.35 2.25
C MET A 241 15.86 8.33 2.25
N ILE A 242 15.97 9.39 1.46
CA ILE A 242 14.95 10.42 1.40
C ILE A 242 14.24 10.38 0.05
N ARG A 243 12.92 10.40 0.12
CA ARG A 243 12.04 10.37 -1.05
C ARG A 243 11.00 11.48 -1.03
N SER A 244 10.99 12.33 -2.05
CA SER A 244 9.98 13.38 -2.12
C SER A 244 9.62 13.75 -3.56
N GLU A 245 8.33 14.00 -3.76
CA GLU A 245 7.76 14.37 -5.06
C GLU A 245 8.26 15.68 -5.68
N ASN A 246 8.45 16.70 -4.86
CA ASN A 246 9.10 17.94 -5.30
C ASN A 246 9.81 18.64 -4.16
N ILE A 247 11.13 18.55 -4.12
CA ILE A 247 11.86 19.07 -2.97
C ILE A 247 11.70 20.58 -2.79
N THR A 248 11.40 21.30 -3.87
CA THR A 248 11.24 22.75 -3.75
C THR A 248 9.78 23.15 -3.61
N ASN A 249 8.87 22.18 -3.59
CA ASN A 249 7.46 22.45 -3.38
C ASN A 249 7.06 22.23 -1.92
N ASN A 250 6.84 23.31 -1.19
CA ASN A 250 6.64 23.20 0.26
C ASN A 250 5.33 22.48 0.61
N ALA A 251 4.46 22.30 -0.38
CA ALA A 251 3.22 21.56 -0.21
C ALA A 251 3.36 20.04 -0.32
N LYS A 252 4.53 19.56 -0.72
CA LYS A 252 4.69 18.13 -0.95
C LYS A 252 5.31 17.43 0.26
N ASN A 253 4.78 16.28 0.60
CA ASN A 253 5.33 15.45 1.67
C ASN A 253 6.71 14.91 1.34
N ILE A 254 7.51 14.72 2.38
CA ILE A 254 8.83 14.11 2.27
C ILE A 254 8.87 12.81 3.07
N LEU A 255 9.04 11.69 2.37
CA LEU A 255 9.13 10.39 3.01
C LEU A 255 10.57 10.00 3.30
N VAL A 256 10.83 9.66 4.57
CA VAL A 256 12.15 9.22 5.00
C VAL A 256 12.14 7.75 5.36
N GLN A 257 13.14 7.01 4.89
CA GLN A 257 13.33 5.60 5.22
C GLN A 257 14.66 5.39 5.95
N PHE A 258 14.61 4.79 7.13
CA PHE A 258 15.84 4.59 7.91
C PHE A 258 16.63 3.37 7.49
N ASN A 259 17.90 3.36 7.88
CA ASN A 259 18.79 2.23 7.69
C ASN A 259 18.80 1.36 8.94
N THR A 260 18.92 2.03 10.09
CA THR A 260 18.87 1.39 11.40
C THR A 260 17.53 1.65 12.05
N PRO A 261 16.89 0.60 12.58
CA PRO A 261 15.58 0.77 13.21
C PRO A 261 15.72 1.41 14.57
N VAL A 262 14.67 2.13 14.97
CA VAL A 262 14.62 2.71 16.30
C VAL A 262 13.50 2.11 17.13
N GLN A 263 13.87 1.49 18.24
CA GLN A 263 12.88 0.83 19.07
C GLN A 263 12.01 1.91 19.68
N ILE A 264 10.71 1.68 19.71
CA ILE A 264 9.77 2.55 20.40
C ILE A 264 8.92 1.78 21.39
N ASN A 265 8.93 2.20 22.65
CA ASN A 265 8.21 1.43 23.65
C ASN A 265 7.07 2.24 24.20
N CYS A 266 5.86 1.71 24.01
CA CYS A 266 4.63 2.39 24.38
C CYS A 266 3.94 1.52 25.41
N THR A 267 3.12 2.15 26.25
CA THR A 267 2.35 1.42 27.24
C THR A 267 1.11 2.21 27.62
N ARG A 268 0.06 1.47 27.94
CA ARG A 268 -1.14 2.02 28.55
C ARG A 268 -1.17 1.49 29.98
N PRO A 269 -0.55 2.25 30.91
CA PRO A 269 -0.29 1.71 32.24
C PRO A 269 -1.51 1.70 33.17
N ASN A 270 -2.63 1.19 32.66
CA ASN A 270 -3.89 1.18 33.37
C ASN A 270 -4.50 -0.18 33.11
N ASN A 271 -4.69 -0.98 34.17
CA ASN A 271 -5.58 -2.13 34.03
C ASN A 271 -7.03 -1.69 33.97
N ASN A 272 -7.77 -2.31 33.07
CA ASN A 272 -9.12 -1.86 32.79
C ASN A 272 -10.16 -2.94 33.05
N THR A 273 -11.41 -2.58 32.82
CA THR A 273 -12.52 -3.48 33.05
C THR A 273 -13.42 -3.48 31.83
N ARG A 274 -13.82 -4.67 31.40
CA ARG A 274 -14.78 -4.78 30.33
C ARG A 274 -16.16 -5.03 30.93
N LYS A 275 -16.97 -3.99 30.89
CA LYS A 275 -18.31 -4.06 31.46
C LYS A 275 -19.33 -4.21 30.34
N SER A 276 -19.90 -5.39 30.21
CA SER A 276 -20.77 -5.67 29.07
C SER A 276 -22.17 -5.15 29.36
N ILE A 277 -22.59 -4.16 28.57
CA ILE A 277 -23.91 -3.57 28.71
C ILE A 277 -24.81 -4.02 27.57
N ARG A 278 -25.93 -4.65 27.93
CA ARG A 278 -26.74 -5.33 26.93
C ARG A 278 -27.74 -4.33 26.36
N ILE A 279 -27.55 -4.01 25.09
CA ILE A 279 -28.51 -3.17 24.37
C ILE A 279 -29.15 -4.01 23.27
N GLY A 280 -30.01 -4.93 23.66
CA GLY A 280 -30.43 -6.00 22.79
C GLY A 280 -31.45 -5.56 21.76
N PRO A 281 -32.24 -6.53 21.25
CA PRO A 281 -31.95 -7.95 21.42
C PRO A 281 -30.71 -8.42 20.64
N GLY A 282 -29.79 -9.08 21.33
CA GLY A 282 -28.64 -9.69 20.69
C GLY A 282 -27.43 -8.77 20.60
N GLN A 283 -27.64 -7.46 20.63
CA GLN A 283 -26.55 -6.51 20.53
C GLN A 283 -25.96 -6.19 21.90
N ALA A 284 -24.66 -6.42 22.03
CA ALA A 284 -23.99 -6.26 23.32
C ALA A 284 -22.93 -5.17 23.26
N PHE A 285 -23.19 -4.07 23.94
CA PHE A 285 -22.24 -2.98 24.04
C PHE A 285 -21.22 -3.22 25.15
N TYR A 286 -19.94 -3.15 24.81
CA TYR A 286 -18.90 -3.30 25.81
C TYR A 286 -18.51 -1.93 26.36
N ALA A 287 -18.92 -1.67 27.59
CA ALA A 287 -18.60 -0.42 28.28
C ALA A 287 -17.23 -0.50 28.94
N THR A 288 -16.64 0.67 29.19
CA THR A 288 -15.45 0.75 30.02
C THR A 288 -15.80 0.79 31.50
N GLY A 289 -15.32 -0.20 32.25
CA GLY A 289 -15.71 -0.36 33.64
C GLY A 289 -15.04 0.67 34.53
N ASP A 290 -13.84 0.35 35.01
CA ASP A 290 -13.10 1.27 35.86
C ASP A 290 -11.59 1.21 35.59
N ILE A 291 -10.83 1.85 36.47
CA ILE A 291 -9.37 1.81 36.40
C ILE A 291 -8.80 0.95 37.52
N ILE A 292 -8.08 -0.10 37.16
CA ILE A 292 -7.31 -0.82 38.16
C ILE A 292 -5.84 -0.41 38.06
N GLY A 293 -5.42 0.43 38.99
CA GLY A 293 -4.07 0.98 38.97
C GLY A 293 -4.09 2.41 39.47
N ASP A 294 -2.92 3.05 39.40
CA ASP A 294 -2.85 4.50 39.49
C ASP A 294 -3.34 5.10 38.17
N ILE A 295 -3.79 6.34 38.20
CA ILE A 295 -4.35 6.91 36.99
C ILE A 295 -3.21 7.54 36.22
N ARG A 296 -2.86 6.88 35.12
CA ARG A 296 -1.62 7.18 34.42
C ARG A 296 -1.89 7.42 32.94
N GLN A 297 -1.24 8.46 32.43
CA GLN A 297 -1.37 8.89 31.05
C GLN A 297 -0.48 7.93 30.30
N ALA A 298 -0.95 7.37 29.17
CA ALA A 298 -0.06 6.42 28.53
C ALA A 298 1.20 7.14 28.08
N HIS A 299 2.15 6.39 27.56
CA HIS A 299 3.35 6.98 26.99
C HIS A 299 4.15 6.08 26.08
N CYS A 300 4.97 6.68 25.24
CA CYS A 300 5.79 5.91 24.33
C CYS A 300 7.22 6.36 24.64
N ASN A 301 8.13 5.39 24.69
CA ASN A 301 9.53 5.67 24.91
C ASN A 301 10.40 5.42 23.70
N VAL A 302 11.33 6.33 23.47
CA VAL A 302 12.40 6.08 22.53
C VAL A 302 13.72 6.34 23.25
N SER A 303 14.74 5.56 22.89
CA SER A 303 16.06 5.72 23.47
C SER A 303 16.66 7.02 22.99
N LYS A 304 17.03 7.91 23.91
CA LYS A 304 17.48 9.24 23.56
C LYS A 304 18.70 9.09 22.63
N ALA A 305 19.68 8.32 23.08
CA ALA A 305 20.92 8.12 22.33
C ALA A 305 20.62 7.54 20.94
N THR A 306 19.69 6.59 20.89
CA THR A 306 19.33 5.91 19.64
C THR A 306 18.62 6.88 18.71
N TRP A 307 17.76 7.71 19.29
CA TRP A 307 17.01 8.71 18.55
C TRP A 307 17.99 9.75 18.04
N ASN A 308 18.99 10.05 18.86
CA ASN A 308 20.00 11.02 18.52
C ASN A 308 20.93 10.53 17.42
N GLU A 309 21.27 9.24 17.43
CA GLU A 309 22.06 8.66 16.36
C GLU A 309 21.34 8.75 15.04
N THR A 310 20.03 8.50 15.09
CA THR A 310 19.15 8.59 13.93
C THR A 310 19.09 9.99 13.34
N LEU A 311 18.85 10.97 14.22
CA LEU A 311 18.76 12.36 13.81
C LEU A 311 20.07 12.85 13.19
N GLY A 312 21.20 12.38 13.72
CA GLY A 312 22.48 12.71 13.15
C GLY A 312 22.60 12.22 11.71
N LYS A 313 22.12 11.00 11.48
CA LYS A 313 22.23 10.40 10.16
C LYS A 313 21.22 10.95 9.15
N VAL A 314 20.00 11.23 9.62
CA VAL A 314 18.97 11.90 8.82
C VAL A 314 19.29 13.31 8.32
N VAL A 315 19.82 14.14 9.20
CA VAL A 315 20.21 15.51 8.85
C VAL A 315 21.24 15.59 7.72
N LYS A 316 22.28 14.77 7.79
CA LYS A 316 23.37 14.79 6.80
C LYS A 316 22.86 14.50 5.40
N GLN A 317 21.90 13.59 5.32
CA GLN A 317 21.30 13.18 4.05
C GLN A 317 20.48 14.32 3.45
N LEU A 318 19.78 15.03 4.31
CA LEU A 318 18.95 16.15 3.87
C LEU A 318 19.77 17.28 3.25
N ARG A 319 20.99 17.48 3.74
CA ARG A 319 21.86 18.53 3.23
C ARG A 319 22.32 18.32 1.78
N LYS A 320 22.25 17.09 1.28
CA LYS A 320 22.66 16.81 -0.10
C LYS A 320 21.66 17.35 -1.13
N HIS A 321 20.44 17.56 -0.68
CA HIS A 321 19.33 18.10 -1.48
C HIS A 321 19.17 19.60 -1.31
N PHE A 322 19.46 20.06 -0.10
CA PHE A 322 19.17 21.42 0.32
C PHE A 322 20.49 22.20 0.35
N GLY A 323 21.57 21.48 0.07
CA GLY A 323 22.90 22.06 -0.03
C GLY A 323 23.78 22.08 1.21
N ASN A 324 25.07 22.27 0.96
CA ASN A 324 26.13 21.48 1.60
C ASN A 324 26.17 21.78 3.08
N ASN A 325 26.30 23.05 3.38
CA ASN A 325 26.39 23.49 4.75
C ASN A 325 25.25 24.39 5.21
N THR A 326 24.05 23.85 5.45
CA THR A 326 22.96 24.73 5.83
C THR A 326 22.42 24.24 7.16
N ILE A 327 21.74 25.12 7.90
CA ILE A 327 21.06 24.72 9.12
C ILE A 327 19.81 23.87 8.92
N ILE A 328 19.72 22.74 9.62
CA ILE A 328 18.54 21.89 9.50
C ILE A 328 17.78 21.97 10.81
N ARG A 329 16.51 22.35 10.77
CA ARG A 329 15.75 22.48 12.01
C ARG A 329 14.60 21.48 12.10
N PHE A 330 14.47 20.83 13.25
CA PHE A 330 13.29 20.00 13.52
C PHE A 330 12.36 20.64 14.52
N ALA A 331 11.09 20.74 14.16
CA ALA A 331 10.11 21.40 15.01
C ALA A 331 8.83 20.57 15.00
N ASN A 332 7.90 20.91 15.89
CA ASN A 332 6.67 20.15 16.04
C ASN A 332 5.64 20.58 14.99
N SER A 333 4.51 19.88 14.98
CA SER A 333 3.43 20.12 14.02
C SER A 333 2.93 21.56 14.12
N SER A 334 2.58 22.07 12.93
CA SER A 334 2.09 23.42 12.66
C SER A 334 0.60 23.62 12.95
N GLY A 335 -0.11 22.51 13.12
CA GLY A 335 -1.53 22.62 13.39
C GLY A 335 -2.31 21.73 12.43
N GLY A 336 -3.62 21.71 12.55
CA GLY A 336 -4.37 20.82 11.70
C GLY A 336 -5.14 19.81 12.52
N ASP A 337 -5.81 18.90 11.81
CA ASP A 337 -6.61 17.87 12.45
C ASP A 337 -5.76 16.99 13.36
N LEU A 338 -6.42 16.43 14.38
CA LEU A 338 -5.74 15.61 15.39
C LEU A 338 -4.96 14.46 14.75
N GLU A 339 -5.45 13.96 13.63
CA GLU A 339 -4.81 12.86 12.94
C GLU A 339 -3.38 13.19 12.51
N VAL A 340 -3.14 14.47 12.21
CA VAL A 340 -1.83 14.90 11.73
C VAL A 340 -0.97 15.63 12.76
N THR A 341 -1.59 16.15 13.82
CA THR A 341 -0.81 16.81 14.87
C THR A 341 -0.21 15.87 15.92
N THR A 342 -0.70 14.65 15.99
CA THR A 342 -0.05 13.64 16.83
C THR A 342 0.51 12.48 16.01
N HIS A 343 1.38 11.69 16.63
CA HIS A 343 1.70 10.38 16.11
C HIS A 343 0.56 9.46 16.50
N SER A 344 -0.26 9.07 15.54
CA SER A 344 -1.36 8.16 15.81
C SER A 344 -1.09 6.77 15.30
N PHE A 345 -1.55 5.77 16.05
CA PHE A 345 -1.32 4.37 15.74
C PHE A 345 -2.23 3.54 16.64
N ASN A 346 -2.15 2.22 16.53
CA ASN A 346 -2.95 1.39 17.40
C ASN A 346 -2.10 0.37 18.14
N CYS A 347 -2.50 0.05 19.36
CA CYS A 347 -1.82 -0.93 20.18
C CYS A 347 -2.85 -1.70 20.98
N GLY A 348 -2.82 -3.03 20.91
CA GLY A 348 -3.72 -3.87 21.67
C GLY A 348 -5.16 -3.51 21.34
N GLY A 349 -5.40 -3.11 20.10
CA GLY A 349 -6.73 -2.74 19.65
C GLY A 349 -7.09 -1.33 20.02
N GLU A 350 -6.21 -0.64 20.74
CA GLU A 350 -6.51 0.69 21.24
C GLU A 350 -5.77 1.74 20.43
N PHE A 351 -6.41 2.90 20.26
CA PHE A 351 -5.88 3.98 19.43
C PHE A 351 -5.09 5.05 20.20
N PHE A 352 -3.79 5.11 19.96
CA PHE A 352 -2.92 6.08 20.61
C PHE A 352 -2.76 7.35 19.78
N TYR A 353 -2.73 8.49 20.46
CA TYR A 353 -2.44 9.78 19.84
C TYR A 353 -1.34 10.38 20.70
N CYS A 354 -0.15 10.53 20.12
CA CYS A 354 1.04 10.92 20.87
C CYS A 354 1.66 12.25 20.51
N ASN A 355 1.93 13.06 21.54
CA ASN A 355 2.56 14.36 21.35
C ASN A 355 4.01 14.15 20.96
N THR A 356 4.39 14.64 19.79
CA THR A 356 5.73 14.43 19.26
C THR A 356 6.63 15.64 19.38
N SER A 357 6.25 16.61 20.20
CA SER A 357 7.09 17.77 20.44
C SER A 357 8.47 17.34 20.92
N GLY A 358 8.51 16.32 21.78
CA GLY A 358 9.77 15.82 22.30
C GLY A 358 10.61 15.13 21.25
N LEU A 359 9.98 14.74 20.14
CA LEU A 359 10.70 14.10 19.04
C LEU A 359 11.18 15.12 18.03
N PHE A 360 10.37 16.15 17.80
CA PHE A 360 10.73 17.11 16.76
C PHE A 360 10.96 18.48 17.35
N ASN A 361 12.19 18.68 17.84
CA ASN A 361 12.55 19.88 18.57
C ASN A 361 14.08 19.96 18.65
N SER A 362 14.75 20.08 17.50
CA SER A 362 16.21 20.12 17.52
C SER A 362 16.81 20.90 16.34
N THR A 363 17.99 21.48 16.57
CA THR A 363 18.67 22.22 15.49
C THR A 363 20.06 21.65 15.20
N TRP A 364 20.30 21.27 13.95
CA TRP A 364 21.56 20.63 13.55
C TRP A 364 22.39 21.41 12.54
N ILE A 365 23.45 22.07 13.00
CA ILE A 365 24.41 22.67 12.10
C ILE A 365 25.21 21.52 11.44
N SER A 366 25.96 21.81 10.38
CA SER A 366 26.68 20.78 9.65
C SER A 366 27.71 19.98 10.44
N ASN A 367 28.24 20.56 11.52
CA ASN A 367 29.25 19.87 12.31
C ASN A 367 28.71 19.37 13.64
N ASN A 379 20.90 10.58 28.46
CA ASN A 379 20.55 9.30 27.83
C ASN A 379 19.62 8.45 28.67
N ASP A 380 18.32 8.73 28.61
CA ASP A 380 17.36 7.78 29.16
C ASP A 380 16.22 7.34 28.24
N SER A 381 15.12 8.07 28.36
CA SER A 381 13.88 7.80 27.65
C SER A 381 13.24 9.07 27.12
N ILE A 382 12.76 9.06 25.89
CA ILE A 382 11.93 10.19 25.49
C ILE A 382 10.50 9.69 25.64
N THR A 383 9.77 10.40 26.50
CA THR A 383 8.37 10.13 26.77
C THR A 383 7.39 11.06 26.08
N LEU A 384 6.53 10.45 25.27
CA LEU A 384 5.51 11.16 24.52
C LEU A 384 4.21 11.09 25.31
N PRO A 385 3.62 12.25 25.61
CA PRO A 385 2.33 12.31 26.31
C PRO A 385 1.19 11.93 25.38
N CYS A 386 1.00 10.63 25.21
CA CYS A 386 -0.02 10.10 24.32
C CYS A 386 -1.41 10.32 24.88
N ARG A 387 -2.43 10.21 24.03
CA ARG A 387 -3.79 10.26 24.54
C ARG A 387 -4.52 9.15 23.80
N ILE A 388 -5.39 8.41 24.47
CA ILE A 388 -6.28 7.45 23.82
C ILE A 388 -7.71 7.82 23.41
N LYS A 389 -8.05 7.73 22.13
CA LYS A 389 -9.42 8.08 21.76
C LYS A 389 -10.08 6.74 21.45
N GLN A 390 -11.36 6.55 21.74
CA GLN A 390 -12.02 5.31 21.33
C GLN A 390 -12.86 5.41 20.06
N ILE A 391 -13.35 6.60 19.76
CA ILE A 391 -14.19 6.79 18.59
C ILE A 391 -13.47 7.46 17.43
N ILE A 392 -13.31 6.75 16.33
CA ILE A 392 -12.52 7.29 15.22
C ILE A 392 -13.18 7.04 13.87
N ASN A 393 -12.92 7.92 12.91
CA ASN A 393 -13.30 7.61 11.54
C ASN A 393 -12.19 8.06 10.62
N MET A 394 -11.26 7.16 10.33
CA MET A 394 -10.13 7.49 9.45
C MET A 394 -10.53 7.71 7.99
N TRP A 395 -9.52 7.95 7.16
CA TRP A 395 -9.64 8.03 5.70
C TRP A 395 -10.60 9.14 5.28
N GLN A 396 -10.82 10.09 6.19
CA GLN A 396 -11.57 11.31 5.93
C GLN A 396 -12.99 10.96 5.45
N ARG A 397 -13.40 9.73 5.73
CA ARG A 397 -14.77 9.31 5.55
C ARG A 397 -15.69 9.96 6.56
N ILE A 398 -16.81 10.48 6.07
CA ILE A 398 -17.81 11.07 6.94
C ILE A 398 -19.10 10.29 6.73
N GLY A 399 -19.57 9.64 7.80
CA GLY A 399 -20.76 8.81 7.74
C GLY A 399 -20.66 7.32 8.04
N GLN A 400 -19.45 6.79 8.21
CA GLN A 400 -19.27 5.65 9.11
C GLN A 400 -18.31 5.89 10.28
N ALA A 401 -18.86 6.04 11.48
CA ALA A 401 -18.12 6.09 12.75
C ALA A 401 -17.83 4.69 13.32
N MET A 402 -16.70 4.55 14.01
CA MET A 402 -16.35 3.27 14.64
C MET A 402 -15.90 3.44 16.09
N TYR A 403 -16.34 2.48 16.88
CA TYR A 403 -16.02 2.36 18.30
C TYR A 403 -15.24 1.10 18.60
N ALA A 404 -14.14 1.29 19.29
CA ALA A 404 -13.28 0.19 19.68
C ALA A 404 -13.50 0.02 21.17
N PRO A 405 -13.84 -1.20 21.57
CA PRO A 405 -14.09 -1.55 22.97
C PRO A 405 -12.82 -1.74 23.76
N PRO A 406 -12.90 -1.51 25.08
CA PRO A 406 -11.68 -1.45 25.89
C PRO A 406 -11.05 -2.82 25.96
N ILE A 407 -9.72 -2.87 25.98
CA ILE A 407 -9.06 -4.15 26.14
C ILE A 407 -8.44 -4.12 27.52
N GLN A 408 -9.09 -4.80 28.47
CA GLN A 408 -8.60 -4.85 29.84
C GLN A 408 -7.15 -5.32 29.92
N GLY A 409 -6.45 -4.89 30.97
CA GLY A 409 -5.12 -5.38 31.22
C GLY A 409 -4.10 -4.31 30.94
N VAL A 410 -2.83 -4.64 31.12
CA VAL A 410 -1.77 -3.68 30.94
C VAL A 410 -1.57 -3.75 29.43
N ILE A 411 -1.60 -2.61 28.75
CA ILE A 411 -1.29 -2.62 27.34
C ILE A 411 0.05 -1.98 27.07
N ARG A 412 0.90 -2.79 26.45
CA ARG A 412 2.27 -2.47 26.11
C ARG A 412 2.43 -2.90 24.67
N CYS A 413 3.24 -2.16 23.92
CA CYS A 413 3.68 -2.62 22.62
C CYS A 413 5.05 -2.05 22.27
N VAL A 414 5.74 -2.77 21.41
CA VAL A 414 7.07 -2.40 20.97
C VAL A 414 7.08 -2.58 19.46
N SER A 415 7.51 -1.52 18.79
CA SER A 415 7.51 -1.45 17.34
C SER A 415 8.87 -0.96 16.87
N ASN A 416 9.13 -1.08 15.57
CA ASN A 416 10.32 -0.48 15.02
C ASN A 416 9.89 0.77 14.28
N ILE A 417 10.46 1.92 14.63
CA ILE A 417 10.27 3.09 13.81
C ILE A 417 11.13 2.88 12.58
N THR A 418 10.53 2.83 11.41
CA THR A 418 11.30 2.54 10.22
C THR A 418 11.30 3.67 9.20
N GLY A 419 10.53 4.70 9.47
CA GLY A 419 10.46 5.84 8.56
C GLY A 419 9.70 7.03 9.08
N LEU A 420 9.76 8.12 8.33
CA LEU A 420 9.07 9.34 8.71
C LEU A 420 8.29 9.94 7.54
N ILE A 421 7.21 10.63 7.87
CA ILE A 421 6.50 11.48 6.93
C ILE A 421 6.70 12.90 7.41
N LEU A 422 7.43 13.70 6.65
CA LEU A 422 7.74 15.06 7.08
C LEU A 422 7.20 16.08 6.09
N THR A 423 7.04 17.30 6.57
CA THR A 423 6.86 18.46 5.71
C THR A 423 7.92 19.53 5.96
N ARG A 424 8.05 20.41 4.98
CA ARG A 424 8.99 21.52 5.02
C ARG A 424 8.24 22.84 4.95
N ASP A 425 8.68 23.80 5.77
CA ASP A 425 8.12 25.14 5.76
C ASP A 425 8.33 25.82 4.42
N GLY A 426 7.36 26.63 4.03
CA GLY A 426 7.49 27.44 2.83
C GLY A 426 8.15 28.79 2.97
N GLY A 427 8.16 29.38 4.16
CA GLY A 427 8.91 30.62 4.25
C GLY A 427 10.40 30.38 4.16
N SER A 428 10.94 30.67 2.99
CA SER A 428 12.36 30.47 2.67
C SER A 428 13.04 31.81 2.95
N THR A 429 14.24 31.91 3.52
CA THR A 429 15.23 30.89 3.92
C THR A 429 15.59 29.75 2.94
N ASN A 430 15.79 30.09 1.67
CA ASN A 430 15.86 29.07 0.63
C ASN A 430 17.20 28.39 0.38
N SER A 431 18.27 29.17 0.28
CA SER A 431 19.63 28.67 0.51
C SER A 431 20.25 28.87 1.89
N THR A 432 19.54 29.46 2.84
CA THR A 432 20.18 29.70 4.13
C THR A 432 19.94 28.53 5.10
N THR A 433 18.69 28.29 5.46
CA THR A 433 18.39 27.24 6.43
C THR A 433 17.16 26.45 6.01
N GLU A 434 16.97 25.25 6.56
CA GLU A 434 15.72 24.52 6.33
C GLU A 434 15.08 24.04 7.63
N THR A 435 13.76 24.07 7.69
CA THR A 435 13.05 23.65 8.89
C THR A 435 12.14 22.48 8.56
N PHE A 436 12.17 21.42 9.37
CA PHE A 436 11.31 20.28 9.09
C PHE A 436 10.40 19.95 10.27
N ARG A 437 9.18 19.54 9.91
CA ARG A 437 8.12 19.24 10.87
C ARG A 437 7.44 17.92 10.52
N PRO A 438 6.93 17.20 11.53
CA PRO A 438 6.24 15.97 11.16
C PRO A 438 4.95 16.33 10.44
N GLY A 439 4.52 15.49 9.51
CA GLY A 439 3.34 15.76 8.72
C GLY A 439 2.64 14.49 8.32
N GLY A 440 1.96 14.50 7.18
CA GLY A 440 1.19 13.34 6.79
C GLY A 440 -0.29 13.63 6.80
N GLY A 441 -1.08 12.56 6.87
CA GLY A 441 -2.52 12.69 6.84
C GLY A 441 -3.07 11.97 5.62
N ASP A 442 -2.30 11.98 4.53
CA ASP A 442 -2.71 11.19 3.38
C ASP A 442 -2.02 9.83 3.49
N MET A 443 -2.81 8.82 3.82
CA MET A 443 -2.32 7.47 4.13
C MET A 443 -1.73 6.76 2.92
N ARG A 444 -1.99 7.34 1.75
CA ARG A 444 -1.42 6.88 0.48
C ARG A 444 0.10 6.94 0.52
N ASP A 445 0.62 7.90 1.27
CA ASP A 445 2.06 8.07 1.46
C ASP A 445 2.67 6.91 2.24
N ASN A 446 1.93 6.36 3.19
CA ASN A 446 2.36 5.13 3.89
C ASN A 446 2.60 3.95 2.97
N TRP A 447 1.68 3.70 2.05
CA TRP A 447 1.77 2.56 1.14
C TRP A 447 2.93 2.71 0.16
N ARG A 448 3.15 3.94 -0.30
CA ARG A 448 4.23 4.25 -1.21
C ARG A 448 5.60 3.84 -0.67
N SER A 449 5.80 3.99 0.63
CA SER A 449 7.10 3.69 1.25
C SER A 449 7.50 2.22 1.16
N GLU A 450 6.54 1.33 0.93
CA GLU A 450 6.84 -0.09 0.75
C GLU A 450 6.76 -0.52 -0.71
N LEU A 451 5.90 0.17 -1.46
CA LEU A 451 5.59 -0.25 -2.83
C LEU A 451 6.49 0.46 -3.82
N TYR A 452 7.39 1.31 -3.32
CA TYR A 452 8.20 2.18 -4.16
C TYR A 452 8.99 1.39 -5.20
N LYS A 453 9.32 0.15 -4.87
CA LYS A 453 10.19 -0.63 -5.74
C LYS A 453 9.39 -1.48 -6.72
N TYR A 454 8.07 -1.36 -6.69
CA TYR A 454 7.22 -2.16 -7.57
C TYR A 454 6.42 -1.31 -8.56
N LYS A 455 6.17 -1.85 -9.74
CA LYS A 455 5.20 -1.28 -10.66
C LYS A 455 4.57 -2.40 -11.50
N VAL A 456 3.32 -2.21 -11.94
CA VAL A 456 2.69 -3.21 -12.76
C VAL A 456 2.90 -2.94 -14.25
N VAL A 457 3.17 -3.99 -15.02
CA VAL A 457 3.24 -3.90 -16.47
C VAL A 457 2.41 -5.00 -17.11
N LYS A 458 1.92 -4.78 -18.32
CA LYS A 458 1.21 -5.84 -19.03
C LYS A 458 2.10 -6.47 -20.10
N ILE A 459 1.91 -7.76 -20.35
CA ILE A 459 2.72 -8.47 -21.32
C ILE A 459 1.99 -8.58 -22.65
N GLU A 460 2.71 -8.46 -23.76
CA GLU A 460 2.12 -8.71 -25.08
C GLU A 460 3.03 -9.59 -25.92
N PRO A 461 2.81 -10.92 -25.83
CA PRO A 461 3.69 -12.00 -26.33
C PRO A 461 3.82 -12.02 -27.85
N LEU A 462 2.96 -11.29 -28.54
CA LEU A 462 3.15 -11.06 -29.96
C LEU A 462 4.36 -10.15 -30.22
N GLY A 463 5.19 -10.53 -31.18
CA GLY A 463 5.91 -9.52 -31.93
C GLY A 463 6.27 -9.97 -33.33
N VAL A 464 6.38 -9.00 -34.22
CA VAL A 464 6.56 -9.27 -35.64
C VAL A 464 7.90 -8.72 -36.08
N ALA A 465 8.64 -9.49 -36.87
CA ALA A 465 9.99 -9.11 -37.23
C ALA A 465 10.36 -9.57 -38.64
N PRO A 466 11.17 -8.78 -39.35
CA PRO A 466 11.68 -9.16 -40.67
C PRO A 466 12.73 -10.26 -40.58
N THR A 467 12.71 -11.18 -41.54
CA THR A 467 13.84 -12.08 -41.77
C THR A 467 13.80 -12.63 -43.19
N ARG A 468 14.74 -13.52 -43.51
CA ARG A 468 14.86 -14.01 -44.87
C ARG A 468 13.99 -15.26 -45.11
N CYS A 469 13.16 -15.60 -44.14
CA CYS A 469 12.20 -16.69 -44.28
C CYS A 469 10.86 -16.24 -44.86
N LYS A 470 10.38 -16.95 -45.88
CA LYS A 470 9.02 -16.79 -46.37
C LYS A 470 8.29 -18.13 -46.42
N ARG A 471 6.97 -18.10 -46.28
CA ARG A 471 6.16 -19.33 -46.33
C ARG A 471 5.91 -19.79 -47.77
N ARG A 472 5.20 -20.91 -47.91
CA ARG A 472 5.04 -21.58 -49.20
C ARG A 472 3.83 -21.04 -49.96
N VAL A 473 3.51 -21.68 -51.08
CA VAL A 473 2.40 -21.24 -51.93
C VAL A 473 1.06 -21.70 -51.34
N GLY B 10 14.57 -18.09 -16.67
CA GLY B 10 13.31 -18.01 -15.96
C GLY B 10 12.32 -17.09 -16.64
N PHE B 11 11.26 -16.74 -15.92
CA PHE B 11 10.25 -15.82 -16.43
C PHE B 11 10.85 -14.45 -16.74
N LEU B 12 10.63 -13.98 -17.97
CA LEU B 12 11.31 -12.79 -18.50
C LEU B 12 12.83 -12.88 -18.39
N GLY B 13 13.36 -14.08 -18.54
CA GLY B 13 14.80 -14.31 -18.43
C GLY B 13 15.63 -13.55 -19.45
N ALA B 14 15.29 -13.71 -20.71
CA ALA B 14 16.06 -13.11 -21.80
C ALA B 14 15.54 -11.72 -22.15
N ALA B 15 14.67 -11.19 -21.30
CA ALA B 15 13.99 -9.92 -21.57
C ALA B 15 14.99 -8.82 -21.87
N GLY B 16 16.19 -8.94 -21.32
CA GLY B 16 17.25 -7.98 -21.54
C GLY B 16 18.28 -8.43 -22.55
N SER B 17 18.22 -9.69 -22.96
CA SER B 17 19.15 -10.20 -23.96
C SER B 17 18.74 -9.77 -25.37
N THR B 18 19.53 -10.15 -26.36
CA THR B 18 19.25 -9.80 -27.74
C THR B 18 18.04 -10.56 -28.27
N MET B 19 17.43 -10.03 -29.33
CA MET B 19 16.21 -10.62 -29.90
C MET B 19 16.46 -12.04 -30.41
N GLY B 20 17.66 -12.25 -30.94
CA GLY B 20 18.08 -13.58 -31.36
C GLY B 20 18.27 -14.52 -30.18
N ALA B 21 18.73 -13.96 -29.06
CA ALA B 21 18.88 -14.73 -27.83
C ALA B 21 17.54 -14.88 -27.11
N ALA B 22 16.68 -13.88 -27.26
CA ALA B 22 15.39 -13.88 -26.58
C ALA B 22 14.43 -14.86 -27.23
N SER B 23 14.82 -15.37 -28.40
CA SER B 23 14.04 -16.40 -29.09
C SER B 23 14.12 -17.75 -28.38
N MET B 24 15.05 -17.86 -27.43
CA MET B 24 15.15 -19.08 -26.63
C MET B 24 14.13 -19.12 -25.50
N THR B 25 13.72 -17.96 -25.01
CA THR B 25 12.83 -17.89 -23.86
C THR B 25 11.37 -17.81 -24.28
N LEU B 26 11.13 -17.99 -25.57
CA LEU B 26 9.77 -18.06 -26.10
C LEU B 26 8.91 -19.08 -25.35
N THR B 27 9.53 -20.15 -24.87
CA THR B 27 8.80 -21.21 -24.17
C THR B 27 8.39 -20.78 -22.76
N VAL B 28 9.15 -19.88 -22.15
CA VAL B 28 8.89 -19.49 -20.77
C VAL B 28 7.74 -18.48 -20.69
N GLN B 29 7.62 -17.64 -21.71
CA GLN B 29 6.64 -16.56 -21.70
C GLN B 29 5.23 -17.07 -21.94
N ALA B 30 5.08 -17.97 -22.90
CA ALA B 30 3.78 -18.54 -23.22
C ALA B 30 3.33 -19.52 -22.14
N ARG B 31 4.29 -20.10 -21.43
CA ARG B 31 4.01 -21.02 -20.33
C ARG B 31 3.34 -20.35 -19.15
N ASN B 32 3.92 -19.26 -18.66
CA ASN B 32 3.47 -18.66 -17.41
C ASN B 32 2.41 -17.59 -17.69
N LEU B 33 1.96 -17.58 -18.93
CA LEU B 33 0.95 -16.66 -19.42
C LEU B 33 -0.45 -17.07 -19.00
N LEU B 34 -0.57 -18.24 -18.37
CA LEU B 34 -1.87 -18.76 -17.94
C LEU B 34 -1.87 -19.06 -16.45
N SER B 35 -0.94 -19.92 -16.02
CA SER B 35 -0.83 -20.39 -14.63
C SER B 35 -2.06 -21.17 -14.18
N GLY B 36 -2.22 -22.35 -14.77
CA GLY B 36 -3.34 -23.23 -14.41
C GLY B 36 -4.46 -23.12 -15.42
N THR B 58 -20.09 -11.63 -1.39
CA THR B 58 -18.80 -11.57 -0.73
C THR B 58 -17.73 -11.02 -1.66
N VAL B 59 -17.37 -9.75 -1.45
CA VAL B 59 -16.36 -9.09 -2.28
C VAL B 59 -14.97 -9.65 -1.93
N TRP B 60 -13.94 -9.11 -2.58
CA TRP B 60 -12.54 -9.42 -2.29
C TRP B 60 -12.11 -10.79 -2.84
N GLY B 61 -13.09 -11.60 -3.20
CA GLY B 61 -12.85 -12.74 -4.06
C GLY B 61 -13.07 -12.45 -5.54
N ILE B 62 -13.87 -11.44 -5.82
CA ILE B 62 -14.13 -11.02 -7.19
C ILE B 62 -12.94 -10.25 -7.75
N LYS B 63 -12.10 -9.76 -6.84
CA LYS B 63 -10.86 -9.08 -7.20
C LYS B 63 -10.00 -9.95 -8.11
N GLN B 64 -9.81 -11.21 -7.71
CA GLN B 64 -9.02 -12.15 -8.48
C GLN B 64 -9.81 -12.68 -9.68
N LEU B 65 -11.13 -12.72 -9.52
CA LEU B 65 -12.01 -13.23 -10.57
C LEU B 65 -11.92 -12.38 -11.83
N GLN B 66 -12.20 -11.10 -11.70
CA GLN B 66 -12.25 -10.19 -12.84
C GLN B 66 -10.87 -10.08 -13.50
N ALA B 67 -9.83 -10.23 -12.70
CA ALA B 67 -8.46 -10.21 -13.20
C ALA B 67 -8.15 -11.46 -14.02
N ARG B 68 -8.58 -12.62 -13.55
CA ARG B 68 -8.23 -13.87 -14.21
C ARG B 68 -9.16 -14.14 -15.39
N VAL B 69 -10.32 -13.48 -15.39
CA VAL B 69 -11.17 -13.43 -16.57
C VAL B 69 -10.48 -12.69 -17.71
N LEU B 70 -9.99 -11.49 -17.42
CA LEU B 70 -9.25 -10.70 -18.40
C LEU B 70 -7.98 -11.43 -18.83
N ALA B 71 -7.40 -12.19 -17.91
CA ALA B 71 -6.21 -12.98 -18.19
C ALA B 71 -6.46 -13.99 -19.32
N VAL B 72 -7.63 -14.62 -19.29
CA VAL B 72 -8.06 -15.49 -20.36
C VAL B 72 -8.26 -14.71 -21.66
N GLU B 73 -8.95 -13.58 -21.54
CA GLU B 73 -9.29 -12.76 -22.71
C GLU B 73 -8.04 -12.24 -23.42
N ARG B 74 -7.02 -11.93 -22.64
CA ARG B 74 -5.75 -11.46 -23.19
C ARG B 74 -5.02 -12.59 -23.92
N TYR B 75 -5.15 -13.80 -23.39
CA TYR B 75 -4.57 -14.98 -24.02
C TYR B 75 -5.23 -15.26 -25.36
N LEU B 76 -6.55 -15.11 -25.42
CA LEU B 76 -7.32 -15.48 -26.60
C LEU B 76 -7.24 -14.43 -27.70
N ARG B 77 -7.00 -13.18 -27.32
CA ARG B 77 -6.78 -12.11 -28.30
C ARG B 77 -5.60 -12.44 -29.19
N ASP B 78 -4.47 -12.77 -28.57
CA ASP B 78 -3.25 -13.09 -29.30
C ASP B 78 -3.38 -14.45 -29.99
N GLN B 79 -4.01 -15.40 -29.32
CA GLN B 79 -4.27 -16.71 -29.90
C GLN B 79 -5.11 -16.63 -31.17
N GLN B 80 -6.04 -15.69 -31.19
CA GLN B 80 -6.89 -15.50 -32.36
C GLN B 80 -6.13 -14.81 -33.48
N LEU B 81 -5.39 -13.76 -33.13
CA LEU B 81 -4.51 -13.09 -34.09
C LEU B 81 -3.50 -14.07 -34.68
N LEU B 82 -2.82 -14.81 -33.82
CA LEU B 82 -1.92 -15.88 -34.24
C LEU B 82 -2.64 -16.88 -35.16
N GLY B 83 -3.91 -17.14 -34.85
CA GLY B 83 -4.69 -18.11 -35.60
C GLY B 83 -5.11 -17.60 -36.97
N ILE B 84 -5.61 -16.38 -37.01
CA ILE B 84 -6.15 -15.81 -38.24
C ILE B 84 -5.03 -15.40 -39.21
N TRP B 85 -3.80 -15.45 -38.72
CA TRP B 85 -2.62 -15.23 -39.56
C TRP B 85 -2.03 -16.55 -40.01
N GLY B 86 -0.83 -16.50 -40.60
CA GLY B 86 -0.31 -17.63 -41.34
C GLY B 86 0.36 -18.61 -40.40
N CYS B 87 -0.02 -18.58 -39.14
CA CYS B 87 0.68 -19.35 -38.14
C CYS B 87 -0.21 -20.34 -37.41
N SER B 88 -0.95 -19.85 -36.43
CA SER B 88 -1.90 -20.62 -35.61
C SER B 88 -1.22 -21.73 -34.79
N GLY B 89 -0.03 -22.15 -35.21
CA GLY B 89 0.93 -22.77 -34.33
C GLY B 89 1.72 -21.71 -33.61
N LYS B 90 2.02 -21.98 -32.35
CA LYS B 90 2.54 -20.95 -31.45
C LYS B 90 4.02 -20.76 -31.70
N LEU B 91 4.69 -20.02 -30.83
CA LEU B 91 6.09 -19.66 -31.06
C LEU B 91 6.20 -18.97 -32.42
N ILE B 92 6.88 -19.63 -33.36
CA ILE B 92 7.31 -18.98 -34.58
C ILE B 92 6.41 -19.34 -35.78
N CYS B 93 6.17 -18.36 -36.65
CA CYS B 93 5.69 -18.63 -37.99
C CYS B 93 6.22 -17.59 -38.99
N CYS B 94 6.34 -17.97 -40.25
CA CYS B 94 6.67 -17.02 -41.31
C CYS B 94 5.44 -16.52 -42.06
N THR B 95 5.64 -15.56 -42.96
CA THR B 95 4.54 -15.01 -43.76
C THR B 95 4.99 -14.68 -45.19
N ASN B 96 4.03 -14.47 -46.07
CA ASN B 96 4.30 -14.03 -47.45
C ASN B 96 4.24 -12.52 -47.64
N VAL B 97 4.15 -11.78 -46.53
CA VAL B 97 4.24 -10.32 -46.60
C VAL B 97 5.69 -9.83 -46.66
N PRO B 98 6.05 -9.13 -47.75
CA PRO B 98 7.38 -8.55 -47.90
C PRO B 98 7.63 -7.40 -46.93
N TRP B 99 8.85 -7.28 -46.43
CA TRP B 99 9.12 -6.25 -45.44
C TRP B 99 9.24 -4.89 -46.11
N ASN B 100 8.33 -3.99 -45.78
CA ASN B 100 8.38 -2.61 -46.25
C ASN B 100 9.55 -1.89 -45.57
N SER B 101 10.49 -1.41 -46.36
CA SER B 101 11.81 -1.06 -45.83
C SER B 101 11.78 0.33 -45.21
N SER B 102 10.62 0.97 -45.26
CA SER B 102 10.37 2.23 -44.58
C SER B 102 9.87 1.97 -43.16
N TRP B 103 9.91 0.71 -42.76
CA TRP B 103 9.40 0.26 -41.47
C TRP B 103 10.47 0.43 -40.38
N SER B 104 11.43 1.33 -40.65
CA SER B 104 12.70 1.45 -39.94
C SER B 104 13.63 0.24 -40.13
N ASN B 105 14.13 0.10 -41.35
CA ASN B 105 15.00 -1.00 -41.75
C ASN B 105 16.36 -1.04 -41.04
N ARG B 106 16.69 -2.19 -40.48
CA ARG B 106 18.06 -2.51 -40.11
C ARG B 106 18.47 -3.90 -40.63
N ASN B 107 19.76 -4.12 -40.78
CA ASN B 107 20.26 -5.41 -41.28
C ASN B 107 20.04 -6.52 -40.26
N LEU B 108 20.09 -7.77 -40.73
CA LEU B 108 19.75 -8.93 -39.91
C LEU B 108 20.69 -9.09 -38.72
N SER B 109 21.88 -8.49 -38.81
CA SER B 109 22.80 -8.48 -37.68
C SER B 109 22.59 -7.26 -36.79
N GLU B 110 21.79 -6.32 -37.26
CA GLU B 110 21.53 -5.08 -36.52
C GLU B 110 20.24 -5.19 -35.71
N ILE B 111 19.62 -6.37 -35.75
CA ILE B 111 18.34 -6.59 -35.11
C ILE B 111 18.43 -7.74 -34.12
N TRP B 112 18.67 -8.93 -34.63
CA TRP B 112 18.66 -10.12 -33.80
C TRP B 112 19.85 -10.14 -32.87
N ASP B 113 21.04 -9.85 -33.38
CA ASP B 113 22.23 -9.86 -32.54
C ASP B 113 22.72 -8.50 -32.07
N ASN B 114 22.08 -7.42 -32.51
CA ASN B 114 22.40 -6.11 -31.98
C ASN B 114 21.35 -5.44 -31.05
N MET B 115 20.21 -6.08 -30.85
CA MET B 115 19.04 -5.38 -30.30
C MET B 115 18.19 -6.25 -29.38
N THR B 116 17.48 -5.58 -28.47
CA THR B 116 16.53 -6.22 -27.58
C THR B 116 15.09 -5.97 -28.00
N TRP B 117 14.21 -6.93 -27.69
CA TRP B 117 12.84 -6.93 -28.17
C TRP B 117 12.04 -5.73 -27.70
N LEU B 118 12.28 -5.31 -26.46
CA LEU B 118 11.62 -4.14 -25.90
C LEU B 118 12.00 -2.86 -26.64
N GLN B 119 13.28 -2.72 -26.93
CA GLN B 119 13.77 -1.62 -27.74
C GLN B 119 13.22 -1.71 -29.16
N TRP B 120 12.99 -2.93 -29.61
CA TRP B 120 12.42 -3.19 -30.93
C TRP B 120 10.95 -2.81 -30.97
N ASP B 121 10.25 -3.09 -29.87
CA ASP B 121 8.85 -2.71 -29.73
C ASP B 121 8.72 -1.21 -29.52
N LYS B 122 9.85 -0.56 -29.29
CA LYS B 122 9.89 0.88 -29.08
C LYS B 122 10.04 1.62 -30.41
N GLU B 123 10.04 0.85 -31.50
CA GLU B 123 10.26 1.40 -32.82
C GLU B 123 9.05 1.15 -33.72
N ILE B 124 8.70 -0.12 -33.91
CA ILE B 124 7.69 -0.52 -34.89
C ILE B 124 6.27 -0.35 -34.32
N SER B 125 6.20 0.20 -33.10
CA SER B 125 4.92 0.45 -32.43
C SER B 125 3.91 1.14 -33.34
N ASN B 126 4.40 2.04 -34.19
CA ASN B 126 3.56 2.69 -35.20
C ASN B 126 3.02 1.71 -36.24
N TYR B 127 3.87 0.80 -36.72
CA TYR B 127 3.50 -0.10 -37.80
C TYR B 127 2.86 -1.38 -37.28
N THR B 128 2.86 -1.54 -35.95
CA THR B 128 2.27 -2.72 -35.33
C THR B 128 0.82 -2.93 -35.76
N GLN B 129 0.00 -1.89 -35.58
CA GLN B 129 -1.39 -1.93 -36.03
C GLN B 129 -1.47 -2.03 -37.55
N ILE B 130 -0.44 -1.53 -38.23
CA ILE B 130 -0.41 -1.52 -39.69
C ILE B 130 0.00 -2.88 -40.25
N ILE B 131 1.03 -3.49 -39.67
CA ILE B 131 1.55 -4.76 -40.14
C ILE B 131 0.55 -5.89 -39.86
N TYR B 132 -0.10 -5.83 -38.70
CA TYR B 132 -1.05 -6.86 -38.28
C TYR B 132 -2.18 -7.04 -39.31
N GLY B 133 -2.58 -5.95 -39.95
CA GLY B 133 -3.66 -5.99 -40.91
C GLY B 133 -3.31 -6.76 -42.17
N LEU B 134 -2.05 -6.67 -42.59
CA LEU B 134 -1.61 -7.33 -43.80
C LEU B 134 -1.59 -8.85 -43.62
N LEU B 135 -1.59 -9.28 -42.37
CA LEU B 135 -1.47 -10.70 -42.05
C LEU B 135 -2.81 -11.42 -42.12
N GLU B 136 -3.85 -10.79 -41.59
CA GLU B 136 -5.14 -11.46 -41.41
C GLU B 136 -5.93 -11.50 -42.71
N GLU B 137 -5.90 -10.41 -43.46
CA GLU B 137 -6.74 -10.25 -44.64
C GLU B 137 -5.92 -10.54 -45.90
N SER B 138 -4.85 -9.77 -46.10
CA SER B 138 -4.04 -9.88 -47.31
C SER B 138 -3.38 -11.24 -47.48
N GLN B 139 -3.37 -12.06 -46.43
CA GLN B 139 -2.72 -13.37 -46.49
C GLN B 139 -3.72 -14.52 -46.43
N ASN B 140 -4.27 -14.79 -45.26
CA ASN B 140 -5.04 -16.02 -45.04
C ASN B 140 -6.32 -16.05 -45.86
N GLN B 141 -6.96 -14.89 -46.00
CA GLN B 141 -8.10 -14.73 -46.90
C GLN B 141 -7.67 -14.92 -48.35
N GLN B 142 -6.46 -14.48 -48.66
CA GLN B 142 -5.87 -14.73 -49.98
C GLN B 142 -5.40 -16.18 -50.10
N GLU B 143 -4.71 -16.67 -49.07
CA GLU B 143 -4.12 -18.00 -49.09
C GLU B 143 -5.16 -19.10 -49.22
N LYS B 144 -6.10 -19.13 -48.29
CA LYS B 144 -7.02 -20.27 -48.16
C LYS B 144 -8.07 -20.24 -49.27
N ASN B 145 -8.28 -19.08 -49.88
CA ASN B 145 -9.09 -18.98 -51.08
C ASN B 145 -8.30 -19.34 -52.34
N GLU B 146 -7.00 -19.08 -52.31
CA GLU B 146 -6.10 -19.56 -53.36
C GLU B 146 -6.04 -21.08 -53.36
N GLN B 147 -6.27 -21.66 -52.18
CA GLN B 147 -6.26 -23.10 -52.01
C GLN B 147 -7.60 -23.71 -52.40
N ASP B 148 -8.65 -22.90 -52.37
CA ASP B 148 -10.00 -23.36 -52.69
C ASP B 148 -10.11 -23.76 -54.15
N LEU B 149 -9.61 -22.91 -55.03
CA LEU B 149 -9.73 -23.15 -56.46
C LEU B 149 -8.69 -24.16 -56.96
N LEU B 150 -7.68 -24.42 -56.14
CA LEU B 150 -6.70 -25.45 -56.48
C LEU B 150 -6.92 -26.79 -55.79
N ALA B 151 -7.98 -26.87 -54.99
CA ALA B 151 -8.32 -28.11 -54.29
C ALA B 151 -9.45 -28.88 -54.95
N LEU B 152 -10.02 -28.28 -55.99
CA LEU B 152 -11.25 -28.79 -56.58
C LEU B 152 -10.96 -30.01 -57.43
N ASP B 153 -9.70 -30.17 -57.82
CA ASP B 153 -9.30 -31.28 -58.68
C ASP B 153 -8.70 -32.43 -57.87
C1 NAG C . 5.25 -3.89 15.24
C2 NAG C . 3.84 -3.64 15.80
C3 NAG C . 3.77 -4.15 17.25
C4 NAG C . 4.20 -5.60 17.33
C5 NAG C . 5.61 -5.74 16.75
C6 NAG C . 6.09 -7.17 16.71
C7 NAG C . 2.24 -1.80 15.54
C8 NAG C . 2.06 -0.32 15.49
N2 NAG C . 3.49 -2.24 15.73
O3 NAG C . 2.43 -4.01 17.72
O4 NAG C . 4.19 -6.06 18.68
O5 NAG C . 5.60 -5.27 15.39
O6 NAG C . 6.18 -7.65 15.38
O7 NAG C . 1.30 -2.59 15.43
C1 NAG C . 3.02 -6.89 18.86
C2 NAG C . 3.36 -8.20 19.57
C3 NAG C . 2.11 -9.07 19.66
C4 NAG C . 0.94 -8.31 20.26
C5 NAG C . 0.76 -6.97 19.56
C6 NAG C . -0.29 -6.09 20.22
C7 NAG C . 5.27 -9.73 19.51
C8 NAG C . 6.32 -10.37 18.66
N2 NAG C . 4.43 -8.90 18.89
O3 NAG C . 2.40 -10.22 20.45
O4 NAG C . -0.25 -9.07 20.09
O5 NAG C . 1.98 -6.23 19.56
O6 NAG C . -0.65 -4.99 19.40
O7 NAG C . 5.19 -9.95 20.72
C1 BMA C . -0.79 -9.51 21.34
C2 BMA C . -2.01 -10.38 21.02
C3 BMA C . -2.64 -10.90 22.30
C4 BMA C . -1.58 -11.57 23.20
C5 BMA C . -0.38 -10.62 23.42
C6 BMA C . 0.75 -11.28 24.18
O2 BMA C . -1.64 -11.51 20.25
O3 BMA C . -3.71 -11.84 22.03
O4 BMA C . -2.15 -11.92 24.45
O5 BMA C . 0.14 -10.20 22.14
O6 BMA C . 1.19 -12.38 23.41
C1 MAN C . -4.95 -11.13 21.84
C2 MAN C . -6.13 -12.09 22.11
C3 MAN C . -6.30 -13.06 20.93
C4 MAN C . -6.35 -12.30 19.59
C5 MAN C . -5.09 -11.44 19.47
C6 MAN C . -5.04 -10.62 18.19
O2 MAN C . -7.37 -11.37 22.16
O3 MAN C . -7.45 -13.89 21.07
O4 MAN C . -6.42 -13.21 18.51
O5 MAN C . -5.05 -10.53 20.58
O6 MAN C . -5.60 -9.34 18.48
C1 MAN C . -8.06 -11.64 23.41
C2 MAN C . -8.59 -10.31 23.97
C3 MAN C . -8.77 -10.41 25.48
C4 MAN C . -9.16 -11.84 25.88
C5 MAN C . -7.98 -12.78 25.58
C6 MAN C . -8.38 -14.24 25.46
O2 MAN C . -9.89 -10.00 23.45
O3 MAN C . -9.73 -9.48 25.96
O4 MAN C . -9.45 -11.89 27.26
O5 MAN C . -7.30 -12.39 24.34
O6 MAN C . -7.39 -15.03 26.10
C1 MAN C . 2.02 -13.22 24.23
C2 MAN C . 3.51 -12.84 24.02
C3 MAN C . 4.03 -13.48 22.73
C4 MAN C . 3.71 -14.97 22.69
C5 MAN C . 2.20 -15.18 22.81
C6 MAN C . 1.79 -16.64 22.81
O2 MAN C . 4.34 -13.34 25.06
O3 MAN C . 5.43 -13.27 22.56
O4 MAN C . 4.17 -15.54 21.47
O5 MAN C . 1.76 -14.59 24.06
O6 MAN C . 0.44 -16.72 22.33
C1 NAG D . -19.61 18.91 15.60
C2 NAG D . -19.40 20.20 14.81
C3 NAG D . -17.96 20.66 14.91
C4 NAG D . -17.55 20.78 16.37
C5 NAG D . -17.82 19.47 17.09
C6 NAG D . -17.54 19.54 18.58
C7 NAG D . -20.92 20.52 12.89
C8 NAG D . -21.80 21.28 13.84
N2 NAG D . -19.79 20.03 13.41
O3 NAG D . -17.81 21.92 14.26
O4 NAG D . -16.17 21.11 16.49
O5 NAG D . -19.20 19.11 16.96
O6 NAG D . -18.33 20.54 19.21
O7 NAG D . -21.21 20.36 11.71
C1 NAG D . -16.03 22.51 16.80
C2 NAG D . -14.85 22.73 17.74
C3 NAG D . -14.70 24.22 18.06
C4 NAG D . -14.63 25.04 16.77
C5 NAG D . -15.83 24.72 15.88
C6 NAG D . -15.77 25.41 14.54
C7 NAG D . -14.11 21.05 19.36
C8 NAG D . -14.43 20.35 20.65
N2 NAG D . -15.01 21.96 18.96
O3 NAG D . -13.53 24.42 18.83
O4 NAG D . -14.63 26.42 17.08
O5 NAG D . -15.88 23.31 15.62
O6 NAG D . -16.41 26.67 14.57
O7 NAG D . -13.10 20.80 18.71
C1 NAG E . 9.24 4.72 29.74
C2 NAG E . 9.22 3.52 30.69
C3 NAG E . 8.76 3.94 32.08
C4 NAG E . 9.58 5.12 32.59
C5 NAG E . 9.57 6.24 31.56
C6 NAG E . 10.47 7.40 31.94
C7 NAG E . 8.86 1.28 29.75
C8 NAG E . 7.85 0.29 29.25
N2 NAG E . 8.38 2.45 30.18
O3 NAG E . 8.87 2.83 32.97
O4 NAG E . 9.04 5.62 33.81
O5 NAG E . 10.05 5.75 30.30
O6 NAG E . 11.81 7.17 31.54
O7 NAG E . 10.06 1.02 29.76
C1 NAG E . 9.70 5.05 34.95
C2 NAG E . 10.04 6.15 35.97
C3 NAG E . 10.64 5.53 37.24
C4 NAG E . 9.72 4.44 37.79
C5 NAG E . 9.42 3.42 36.70
C6 NAG E . 8.44 2.36 37.13
C7 NAG E . 12.20 6.88 34.99
C8 NAG E . 12.96 8.06 34.45
N2 NAG E . 10.94 7.14 35.40
O3 NAG E . 10.82 6.56 38.22
O4 NAG E . 10.34 3.80 38.89
O5 NAG E . 8.85 4.08 35.56
O6 NAG E . 7.24 2.41 36.38
O7 NAG E . 12.68 5.76 35.04
C1 NAG F . 16.21 10.38 -8.33
C2 NAG F . 16.03 11.86 -8.53
C3 NAG F . 16.22 12.22 -10.00
C4 NAG F . 17.57 11.71 -10.50
C5 NAG F . 17.71 10.22 -10.19
C6 NAG F . 19.09 9.69 -10.51
C7 NAG F . 14.50 12.74 -6.82
C8 NAG F . 13.09 13.14 -6.51
N2 NAG F . 14.72 12.31 -8.07
O3 NAG F . 16.14 13.63 -10.17
O4 NAG F . 17.68 11.92 -11.90
O5 NAG F . 17.51 9.99 -8.79
O6 NAG F . 19.22 8.32 -10.14
O7 NAG F . 15.40 12.82 -5.99
C1 NAG G . 8.55 21.55 -8.52
C2 NAG G . 8.01 21.56 -9.96
C3 NAG G . 8.48 22.81 -10.72
C4 NAG G . 8.19 24.07 -9.91
C5 NAG G . 8.77 23.93 -8.51
C6 NAG G . 8.45 25.11 -7.62
C7 NAG G . 9.49 19.79 -11.04
C8 NAG G . 10.74 20.52 -10.62
N2 NAG G . 8.30 20.33 -10.70
O3 NAG G . 7.82 22.88 -11.98
O4 NAG G . 8.76 25.20 -10.54
O5 NAG G . 8.21 22.77 -7.87
O6 NAG G . 8.41 24.73 -6.24
O7 NAG G . 9.55 18.74 -11.67
C1 NAG H . 22.65 14.46 20.94
C2 NAG H . 23.69 14.88 19.90
C3 NAG H . 24.20 16.29 20.19
C4 NAG H . 23.04 17.26 20.38
C5 NAG H . 22.06 16.72 21.41
C6 NAG H . 20.83 17.59 21.57
C7 NAG H . 25.30 13.49 18.68
C8 NAG H . 26.44 12.52 18.81
N2 NAG H . 24.79 13.94 19.83
O3 NAG H . 25.05 16.72 19.13
O4 NAG H . 23.53 18.53 20.81
O5 NAG H . 21.61 15.42 21.01
O6 NAG H . 19.95 17.05 22.54
O7 NAG H . 24.87 13.85 17.59
C1 NAG I . 28.96 18.28 1.37
C2 NAG I . 29.19 17.65 0.00
C3 NAG I . 29.97 16.35 0.13
C4 NAG I . 31.27 16.61 0.87
C5 NAG I . 31.01 17.27 2.22
C6 NAG I . 32.28 17.66 2.93
C7 NAG I . 27.45 18.20 -1.66
C8 NAG I . 28.30 19.39 -2.02
N2 NAG I . 27.93 17.42 -0.68
O3 NAG I . 30.23 15.83 -1.16
O4 NAG I . 31.97 15.38 1.07
O5 NAG I . 30.24 18.47 2.04
O6 NAG I . 32.11 17.77 4.34
O7 NAG I . 26.37 17.97 -2.21
C1 NAG J . 4.68 22.96 19.64
C2 NAG J . 3.25 22.83 20.16
C3 NAG J . 2.76 24.17 20.69
C4 NAG J . 3.73 24.72 21.73
C5 NAG J . 5.15 24.75 21.16
C6 NAG J . 6.19 25.15 22.18
C7 NAG J . 2.13 21.03 18.90
C8 NAG J . 1.18 20.71 17.79
N2 NAG J . 2.36 22.34 19.11
O3 NAG J . 1.47 24.02 21.27
O4 NAG J . 3.36 26.03 22.11
O5 NAG J . 5.52 23.45 20.68
O6 NAG J . 7.02 26.19 21.70
O7 NAG J . 2.66 20.17 19.58
C1 NAG K . 1.86 18.87 23.11
C2 NAG K . 0.55 19.45 23.64
C3 NAG K . 0.61 20.97 23.68
C4 NAG K . 1.82 21.43 24.47
C5 NAG K . 3.09 20.79 23.90
C6 NAG K . 4.33 21.11 24.70
C7 NAG K . -0.75 19.24 21.54
C8 NAG K . -1.99 18.67 20.92
N2 NAG K . -0.59 18.99 22.85
O3 NAG K . -0.58 21.48 24.28
O4 NAG K . 1.94 22.85 24.40
O5 NAG K . 2.95 19.36 23.90
O6 NAG K . 4.62 20.08 25.64
O7 NAG K . 0.06 19.88 20.88
C1 NAG L . 12.97 21.58 23.17
C2 NAG L . 11.85 22.42 23.79
C3 NAG L . 12.39 23.22 24.97
C4 NAG L . 13.13 22.31 25.95
C5 NAG L . 14.19 21.51 25.21
C6 NAG L . 14.89 20.50 26.10
C7 NAG L . 10.03 23.12 22.30
C8 NAG L . 9.58 24.14 21.29
N2 NAG L . 11.25 23.31 22.81
O3 NAG L . 11.31 23.87 25.63
O4 NAG L . 13.75 23.10 26.96
O5 NAG L . 13.57 20.77 24.16
O6 NAG L . 15.33 19.38 25.34
O7 NAG L . 9.33 22.17 22.62
C1 NAG M . 12.59 -4.84 14.31
C2 NAG M . 11.95 -6.03 13.60
C3 NAG M . 12.72 -7.31 13.91
C4 NAG M . 14.20 -7.13 13.59
C5 NAG M . 14.75 -5.90 14.31
C6 NAG M . 16.18 -5.59 13.95
C7 NAG M . 9.55 -6.05 13.08
C8 NAG M . 9.95 -5.75 11.66
N2 NAG M . 10.55 -6.17 13.96
O3 NAG M . 12.19 -8.39 13.16
O4 NAG M . 14.94 -8.28 14.00
O5 NAG M . 13.97 -4.74 13.95
O6 NAG M . 16.70 -4.54 14.76
O7 NAG M . 8.38 -6.17 13.42
C1 NAG N . -19.23 6.78 38.26
C2 NAG N . -18.54 6.33 39.55
C3 NAG N . -19.20 5.06 40.08
C4 NAG N . -20.70 5.26 40.22
C5 NAG N . -21.30 5.78 38.93
C6 NAG N . -22.76 6.14 39.05
C7 NAG N . -16.18 6.56 40.20
C8 NAG N . -14.76 6.25 39.82
N2 NAG N . -17.11 6.12 39.34
O3 NAG N . -18.63 4.73 41.35
O4 NAG N . -21.33 4.02 40.56
O5 NAG N . -20.61 6.97 38.52
O6 NAG N . -23.25 6.75 37.86
O7 NAG N . -16.47 7.16 41.22
C1 NAG O . -33.07 9.01 32.88
C2 NAG O . -32.48 10.34 33.34
C3 NAG O . -33.06 10.75 34.69
C4 NAG O . -34.58 10.74 34.64
C5 NAG O . -35.08 9.39 34.13
C6 NAG O . -36.58 9.33 33.96
C7 NAG O . -30.20 10.89 32.57
C8 NAG O . -30.86 11.71 31.50
N2 NAG O . -31.02 10.26 33.42
O3 NAG O . -32.59 12.04 35.05
O4 NAG O . -35.12 10.99 35.92
O5 NAG O . -34.50 9.10 32.85
O6 NAG O . -37.06 8.00 34.00
O7 NAG O . -28.98 10.80 32.67
C1 NAG P . 11.92 -1.46 25.29
C2 NAG P . 13.27 -0.95 25.78
C3 NAG P . 14.33 -2.03 25.58
C4 NAG P . 13.89 -3.33 26.24
C5 NAG P . 12.51 -3.73 25.74
C6 NAG P . 11.96 -4.96 26.45
C7 NAG P . 13.40 1.49 25.58
C8 NAG P . 13.85 2.64 24.74
N2 NAG P . 13.65 0.27 25.09
O3 NAG P . 15.56 -1.59 26.15
O4 NAG P . 14.83 -4.36 25.94
O5 NAG P . 11.59 -2.67 25.98
O6 NAG P . 10.55 -4.84 26.65
O7 NAG P . 12.83 1.66 26.66
C1 NAG Q . -6.23 -6.88 35.07
C2 NAG Q . -5.30 -8.02 35.44
C3 NAG Q . -5.79 -9.35 34.89
C4 NAG Q . -7.23 -9.63 35.32
C5 NAG Q . -8.13 -8.42 35.00
C6 NAG Q . -9.51 -8.55 35.59
C7 NAG Q . -2.93 -7.58 35.82
C8 NAG Q . -1.60 -7.31 35.20
N2 NAG Q . -3.95 -7.76 34.97
O3 NAG Q . -4.95 -10.39 35.38
O4 NAG Q . -7.72 -10.80 34.68
O5 NAG Q . -7.57 -7.20 35.52
O6 NAG Q . -9.93 -7.29 36.12
O7 NAG Q . -3.08 -7.63 37.04
C1 NAG R . 5.72 1.05 -47.94
C2 NAG R . 4.42 1.10 -48.73
C3 NAG R . 4.26 2.46 -49.39
C4 NAG R . 4.39 3.58 -48.35
C5 NAG R . 5.69 3.43 -47.59
C6 NAG R . 5.83 4.43 -46.46
C7 NAG R . 3.44 -0.93 -49.69
C8 NAG R . 3.53 -1.94 -50.80
N2 NAG R . 4.36 0.04 -49.71
O3 NAG R . 2.99 2.55 -50.02
O4 NAG R . 4.36 4.85 -49.00
O5 NAG R . 5.76 2.12 -46.99
O6 NAG R . 6.40 5.65 -46.91
O7 NAG R . 2.57 -0.98 -48.82
C1 NAG S . 23.02 -6.77 -44.90
C2 NAG S . 23.69 -5.98 -46.03
C3 NAG S . 24.05 -6.91 -47.17
C4 NAG S . 24.88 -8.09 -46.67
C5 NAG S . 24.15 -8.78 -45.51
C6 NAG S . 24.94 -9.90 -44.89
C7 NAG S . 22.98 -3.63 -46.14
C8 NAG S . 21.99 -2.66 -46.73
N2 NAG S . 22.83 -4.91 -46.50
O3 NAG S . 24.80 -6.19 -48.15
O4 NAG S . 25.09 -9.03 -47.71
O5 NAG S . 23.88 -7.82 -44.48
O6 NAG S . 24.43 -11.17 -45.26
O7 NAG S . 23.89 -3.27 -45.41
C1 NAG T . 6.11 6.83 -34.56
C2 NAG T . 7.55 7.22 -34.92
C3 NAG T . 8.07 8.22 -33.90
C4 NAG T . 7.11 9.41 -33.79
C5 NAG T . 5.69 8.91 -33.51
C6 NAG T . 4.66 10.02 -33.51
C7 NAG T . 9.40 5.91 -35.87
C8 NAG T . 10.21 4.65 -35.77
N2 NAG T . 8.42 6.04 -34.97
O3 NAG T . 9.36 8.68 -34.29
O4 NAG T . 7.52 10.26 -32.72
O5 NAG T . 5.30 7.98 -34.54
O6 NAG T . 4.46 10.54 -34.81
O7 NAG T . 9.63 6.77 -36.72
#